data_5M60
#
_entry.id   5M60
#
_cell.length_a   63.661
_cell.length_b   83.535
_cell.length_c   65.171
_cell.angle_alpha   90.00
_cell.angle_beta   93.10
_cell.angle_gamma   90.00
#
_symmetry.space_group_name_H-M   'P 1 21 1'
#
loop_
_entity.id
_entity.type
_entity.pdbx_description
1 polymer Beta-1,3-glucanase
2 branched 2-acetamido-2-deoxy-beta-D-glucopyranose-(1-4)-2-acetamido-2-deoxy-beta-D-glucopyranose
3 non-polymer beta-D-glucopyranose
4 non-polymer 'SODIUM ION'
5 water water
#
_entity_poly.entity_id   1
_entity_poly.type   'polypeptide(L)'
_entity_poly.pdbx_seq_one_letter_code
;(PCA)APSGWWLANIARQGRPAFNPDPNYKIFRNVKDYGAVGDGVTDDTAAINAAISDGNRCGQGCSSQTTTPALVYFPP
GTYLVSKPIISYYYTQLVGDAISPPTLKAAANFEGMAVIDADPYDENGNNWWTNQNNFFRQVRNFVIDLTAMPFEVGSGI
HWQVAQATSLQNIVFNMRTDGGDDNRQQGIFMDNGSGGLMVDLVFNGGRYGAFFGNQQFTTRNLTFNNCKTAIFMNWNWA
WTFQDVKINNCEVGIDMSNGGPDGQTVGSVLLLDSHITNTGIGIKTAYDPAQPHTNGTLILDNVEMTGTPIAVQNDATGT
TIVDGNQKIAFFAQGRTYGGSIGGTSGKAVQTTEQAIVKPNVLLDPATGKVFTRSRPQYEDVPVSSFVSVKANGAKGDGV
TDDTDAIQAIFDSVTPEQIVYFDHGAYIITKTVRVPPNIRITGEALPLILAGGDSFFKDQANPKPVFQVGQPGERGRVEM
SDLIFGTAGPQPGAIMMEWNVAGMEPGAAGLWDVHTRIGGYAGTQLELEQCAKNPNITNPIKPECFGSFLMLHVTPGGSA
YLENTWYWVADHALEPEARDQQIDVFNGRGVLIEGDGPVWGWGTSSEHSVLHNYQFNNARNVFLALIQTETPYFQGNPDA
TQPFTVNPNFADPDFATSCTNSPNPEQCKRAWGVRAINSTDVFIYGAGLYSFFDNYDQECLKTQSCQTNMVSLEGNSQVH
LFGLSTKASVNMLTVDGNAVALDADNRNNFCATVAWFQSTA
;
_entity_poly.pdbx_strand_id   A
#
# COMPACT_ATOMS: atom_id res chain seq x y z
N ALA A 2 23.94 -24.61 -5.68
CA ALA A 2 23.23 -25.06 -6.86
C ALA A 2 22.01 -24.18 -7.10
N PRO A 3 21.53 -24.14 -8.34
CA PRO A 3 20.21 -23.55 -8.59
C PRO A 3 19.14 -24.20 -7.72
N SER A 4 18.13 -23.41 -7.35
CA SER A 4 17.11 -23.89 -6.41
C SER A 4 16.04 -24.74 -7.07
N GLY A 5 15.84 -24.60 -8.37
CA GLY A 5 14.69 -25.18 -9.05
C GLY A 5 13.41 -24.39 -8.89
N TRP A 6 13.46 -23.22 -8.27
CA TRP A 6 12.27 -22.38 -8.17
C TRP A 6 11.76 -22.08 -9.56
N TRP A 7 10.44 -22.19 -9.73
CA TRP A 7 9.84 -22.04 -11.06
C TRP A 7 10.28 -20.74 -11.72
N LEU A 8 10.41 -19.66 -10.93
CA LEU A 8 10.71 -18.36 -11.51
C LEU A 8 12.06 -18.34 -12.21
N ALA A 9 13.05 -19.10 -11.70
CA ALA A 9 14.36 -19.14 -12.35
C ALA A 9 14.30 -19.77 -13.73
N ASN A 10 13.31 -20.63 -13.97
CA ASN A 10 13.32 -21.50 -15.14
C ASN A 10 12.19 -21.26 -16.12
N ILE A 11 11.13 -20.56 -15.73
CA ILE A 11 9.96 -20.47 -16.60
C ILE A 11 10.35 -19.75 -17.89
N ALA A 12 9.77 -20.19 -19.01
CA ALA A 12 10.09 -19.58 -20.29
C ALA A 12 9.81 -18.08 -20.26
N ARG A 13 10.72 -17.31 -20.86
CA ARG A 13 10.61 -15.85 -20.85
C ARG A 13 10.09 -15.39 -22.21
N GLN A 14 8.82 -14.97 -22.24
CA GLN A 14 8.15 -14.49 -23.45
C GLN A 14 7.58 -13.09 -23.23
N GLY A 15 8.01 -12.40 -22.19
CA GLY A 15 7.39 -11.15 -21.81
C GLY A 15 8.00 -9.96 -22.52
N ARG A 16 7.17 -8.94 -22.72
CA ARG A 16 7.65 -7.73 -23.34
C ARG A 16 6.68 -6.59 -23.04
N PRO A 17 7.15 -5.40 -22.67
CA PRO A 17 6.23 -4.28 -22.46
C PRO A 17 5.60 -3.86 -23.77
N ALA A 18 4.27 -3.89 -23.82
CA ALA A 18 3.57 -3.68 -25.08
C ALA A 18 3.82 -2.30 -25.67
N PHE A 19 4.11 -1.30 -24.83
CA PHE A 19 4.23 0.07 -25.31
C PHE A 19 5.65 0.59 -25.19
N ASN A 20 6.62 -0.31 -25.01
CA ASN A 20 8.01 0.00 -25.27
C ASN A 20 8.29 -0.27 -26.74
N PRO A 21 8.78 0.70 -27.51
CA PRO A 21 8.97 0.46 -28.96
C PRO A 21 10.17 -0.39 -29.30
N ASP A 22 11.02 -0.74 -28.32
CA ASP A 22 12.21 -1.53 -28.58
C ASP A 22 11.82 -3.01 -28.55
N PRO A 23 11.78 -3.70 -29.69
CA PRO A 23 11.35 -5.11 -29.68
C PRO A 23 12.35 -6.05 -29.01
N ASN A 24 13.53 -5.57 -28.65
CA ASN A 24 14.53 -6.40 -27.99
C ASN A 24 14.64 -6.13 -26.50
N TYR A 25 13.77 -5.30 -25.94
CA TYR A 25 13.81 -5.03 -24.51
C TYR A 25 13.57 -6.32 -23.73
N LYS A 26 14.40 -6.54 -22.71
CA LYS A 26 14.36 -7.75 -21.88
C LYS A 26 13.88 -7.39 -20.49
N ILE A 27 12.75 -7.95 -20.09
CA ILE A 27 12.25 -7.61 -18.76
CA ILE A 27 12.19 -7.68 -18.75
C ILE A 27 12.98 -8.41 -17.68
N PHE A 28 13.35 -9.66 -17.93
CA PHE A 28 13.98 -10.52 -16.94
C PHE A 28 15.50 -10.50 -17.06
N ARG A 29 16.18 -10.30 -15.93
CA ARG A 29 17.64 -10.33 -15.89
C ARG A 29 18.08 -11.18 -14.69
N ASN A 30 18.82 -12.26 -14.98
CA ASN A 30 19.46 -13.07 -13.96
C ASN A 30 20.86 -12.51 -13.75
N VAL A 31 21.18 -12.09 -12.52
CA VAL A 31 22.43 -11.36 -12.31
C VAL A 31 23.65 -12.21 -12.69
N LYS A 32 23.56 -13.53 -12.57
CA LYS A 32 24.71 -14.36 -12.96
C LYS A 32 24.91 -14.36 -14.47
N ASP A 33 23.87 -14.09 -15.27
CA ASP A 33 24.06 -13.91 -16.71
C ASP A 33 24.80 -12.62 -17.04
N TYR A 34 24.90 -11.70 -16.10
CA TYR A 34 25.61 -10.45 -16.27
C TYR A 34 27.00 -10.51 -15.65
N GLY A 35 27.43 -11.68 -15.23
CA GLY A 35 28.77 -11.88 -14.69
C GLY A 35 28.88 -11.95 -13.18
N ALA A 36 27.77 -11.93 -12.45
CA ALA A 36 27.87 -12.12 -11.00
C ALA A 36 28.29 -13.55 -10.70
N VAL A 37 29.22 -13.71 -9.76
CA VAL A 37 29.71 -15.04 -9.39
C VAL A 37 28.97 -15.60 -8.19
N GLY A 38 28.62 -14.77 -7.23
CA GLY A 38 27.84 -15.24 -6.10
C GLY A 38 28.61 -16.13 -5.14
N ASP A 39 29.93 -15.97 -5.06
CA ASP A 39 30.74 -16.77 -4.14
C ASP A 39 31.16 -16.02 -2.89
N GLY A 40 30.77 -14.75 -2.75
CA GLY A 40 31.11 -13.99 -1.58
C GLY A 40 32.53 -13.47 -1.52
N VAL A 41 33.36 -13.72 -2.54
CA VAL A 41 34.74 -13.22 -2.57
C VAL A 41 35.01 -12.38 -3.80
N THR A 42 34.40 -12.71 -4.93
CA THR A 42 34.45 -11.84 -6.11
C THR A 42 33.49 -10.68 -5.92
N ASP A 43 33.94 -9.47 -6.26
CA ASP A 43 33.07 -8.31 -6.18
C ASP A 43 32.03 -8.36 -7.29
N ASP A 44 30.75 -8.41 -6.92
CA ASP A 44 29.65 -8.55 -7.87
C ASP A 44 28.88 -7.27 -8.08
N THR A 45 29.37 -6.15 -7.57
CA THR A 45 28.63 -4.88 -7.64
C THR A 45 28.31 -4.51 -9.08
N ALA A 46 29.32 -4.54 -9.96
CA ALA A 46 29.12 -4.10 -11.34
C ALA A 46 28.11 -4.97 -12.07
N ALA A 47 28.19 -6.29 -11.88
CA ALA A 47 27.25 -7.19 -12.55
C ALA A 47 25.81 -6.98 -12.09
N ILE A 48 25.60 -6.79 -10.80
CA ILE A 48 24.24 -6.59 -10.29
C ILE A 48 23.67 -5.27 -10.79
N ASN A 49 24.46 -4.20 -10.75
CA ASN A 49 23.96 -2.93 -11.24
C ASN A 49 23.73 -2.95 -12.74
N ALA A 50 24.57 -3.68 -13.49
CA ALA A 50 24.34 -3.84 -14.92
C ALA A 50 23.05 -4.61 -15.20
N ALA A 51 22.76 -5.63 -14.40
CA ALA A 51 21.52 -6.38 -14.61
C ALA A 51 20.31 -5.47 -14.42
N ILE A 52 20.43 -4.48 -13.53
CA ILE A 52 19.32 -3.55 -13.29
C ILE A 52 19.23 -2.49 -14.37
N SER A 53 20.38 -1.93 -14.80
CA SER A 53 20.36 -0.77 -15.68
C SER A 53 20.24 -1.11 -17.16
N ASP A 54 20.40 -2.39 -17.53
CA ASP A 54 20.43 -2.77 -18.94
C ASP A 54 19.16 -2.33 -19.66
N GLY A 55 19.31 -1.89 -20.90
CA GLY A 55 18.15 -1.63 -21.74
C GLY A 55 17.57 -0.23 -21.71
N ASN A 56 18.35 0.77 -21.29
CA ASN A 56 17.94 2.18 -21.32
C ASN A 56 16.72 2.41 -20.43
N ARG A 57 16.90 2.17 -19.15
CA ARG A 57 15.79 2.23 -18.21
C ARG A 57 15.75 3.60 -17.54
N CYS A 58 14.77 3.77 -16.67
CA CYS A 58 14.47 5.08 -16.06
C CYS A 58 15.39 5.31 -14.86
N GLY A 59 16.51 5.98 -15.11
CA GLY A 59 17.48 6.26 -14.07
C GLY A 59 17.54 7.73 -13.73
N GLN A 60 18.74 8.27 -13.60
CA GLN A 60 18.89 9.70 -13.36
C GLN A 60 18.38 10.48 -14.58
N GLY A 61 17.71 11.60 -14.31
CA GLY A 61 17.16 12.41 -15.37
C GLY A 61 15.82 11.95 -15.90
N CYS A 62 15.25 10.88 -15.35
CA CYS A 62 13.97 10.33 -15.79
C CYS A 62 12.97 10.44 -14.65
N SER A 63 11.91 11.23 -14.85
CA SER A 63 10.97 11.51 -13.75
C SER A 63 10.24 10.25 -13.31
N SER A 64 9.84 9.42 -14.27
CA SER A 64 9.10 8.17 -14.06
CA SER A 64 9.06 8.20 -14.07
C SER A 64 8.88 7.55 -15.44
N GLN A 65 8.46 6.29 -15.43
CA GLN A 65 8.25 5.55 -16.66
C GLN A 65 7.53 4.25 -16.32
N THR A 66 6.63 3.80 -17.21
CA THR A 66 5.99 2.49 -17.00
C THR A 66 6.33 1.47 -18.07
N THR A 67 7.08 1.86 -19.10
CA THR A 67 7.38 0.99 -20.23
C THR A 67 8.72 0.26 -20.10
N THR A 68 9.45 0.46 -19.00
CA THR A 68 10.73 -0.21 -18.78
C THR A 68 10.74 -0.93 -17.44
N PRO A 69 9.80 -1.84 -17.21
CA PRO A 69 9.86 -2.68 -16.01
C PRO A 69 11.03 -3.64 -16.08
N ALA A 70 11.48 -4.07 -14.91
CA ALA A 70 12.49 -5.14 -14.90
C ALA A 70 12.26 -6.03 -13.70
N LEU A 71 12.47 -7.34 -13.90
CA LEU A 71 12.54 -8.32 -12.83
C LEU A 71 13.98 -8.82 -12.79
N VAL A 72 14.72 -8.42 -11.75
CA VAL A 72 16.13 -8.77 -11.58
C VAL A 72 16.21 -9.92 -10.59
N TYR A 73 16.64 -11.09 -11.06
CA TYR A 73 16.62 -12.31 -10.26
C TYR A 73 18.02 -12.63 -9.75
N PHE A 74 18.12 -12.98 -8.46
CA PHE A 74 19.37 -13.35 -7.82
C PHE A 74 19.30 -14.81 -7.42
N PRO A 75 19.98 -15.72 -8.13
CA PRO A 75 20.04 -17.12 -7.72
C PRO A 75 20.66 -17.28 -6.34
N PRO A 76 20.49 -18.45 -5.71
CA PRO A 76 21.15 -18.71 -4.42
C PRO A 76 22.63 -18.41 -4.50
N GLY A 77 23.17 -17.86 -3.43
CA GLY A 77 24.57 -17.52 -3.38
C GLY A 77 24.78 -16.36 -2.41
N THR A 78 26.02 -15.89 -2.38
CA THR A 78 26.45 -14.73 -1.60
C THR A 78 27.08 -13.74 -2.56
N TYR A 79 26.55 -12.52 -2.60
CA TYR A 79 27.01 -11.51 -3.54
C TYR A 79 27.73 -10.41 -2.77
N LEU A 80 29.07 -10.39 -2.90
CA LEU A 80 29.89 -9.36 -2.30
C LEU A 80 29.71 -8.05 -3.06
N VAL A 81 29.32 -6.99 -2.36
CA VAL A 81 29.16 -5.69 -3.01
C VAL A 81 29.91 -4.63 -2.22
N SER A 82 30.45 -3.65 -2.94
CA SER A 82 31.25 -2.59 -2.35
C SER A 82 30.75 -1.19 -2.62
N LYS A 83 29.72 -1.03 -3.45
CA LYS A 83 29.02 0.22 -3.75
C LYS A 83 27.53 -0.09 -3.73
N PRO A 84 26.66 0.92 -3.63
CA PRO A 84 25.21 0.64 -3.60
C PRO A 84 24.71 -0.07 -4.84
N ILE A 85 23.77 -0.99 -4.63
CA ILE A 85 22.92 -1.54 -5.68
C ILE A 85 21.84 -0.50 -5.94
N ILE A 86 21.85 0.11 -7.13
CA ILE A 86 20.93 1.19 -7.44
CA ILE A 86 20.92 1.20 -7.46
C ILE A 86 19.70 0.59 -8.13
N SER A 87 18.56 0.67 -7.47
CA SER A 87 17.33 0.10 -8.00
C SER A 87 16.61 1.16 -8.82
N TYR A 88 16.75 1.07 -10.15
CA TYR A 88 16.09 1.97 -11.08
C TYR A 88 14.57 1.96 -10.89
N TYR A 89 13.92 2.99 -11.42
CA TYR A 89 12.47 3.11 -11.39
C TYR A 89 11.82 1.81 -11.88
N TYR A 90 10.78 1.35 -11.16
CA TYR A 90 9.93 0.25 -11.62
C TYR A 90 10.69 -1.09 -11.67
N THR A 91 11.60 -1.29 -10.70
CA THR A 91 12.42 -2.51 -10.63
C THR A 91 11.90 -3.43 -9.55
N GLN A 92 11.78 -4.72 -9.87
CA GLN A 92 11.60 -5.76 -8.87
C GLN A 92 12.95 -6.43 -8.64
N LEU A 93 13.48 -6.32 -7.42
CA LEU A 93 14.66 -7.09 -7.02
C LEU A 93 14.17 -8.38 -6.35
N VAL A 94 14.40 -9.52 -7.00
CA VAL A 94 13.78 -10.78 -6.61
C VAL A 94 14.90 -11.77 -6.31
N GLY A 95 15.19 -11.97 -5.03
CA GLY A 95 16.09 -13.05 -4.67
C GLY A 95 15.37 -14.39 -4.73
N ASP A 96 16.14 -15.46 -4.76
CA ASP A 96 15.53 -16.78 -4.81
C ASP A 96 14.69 -17.03 -3.56
N ALA A 97 13.44 -17.44 -3.76
CA ALA A 97 12.50 -17.60 -2.65
C ALA A 97 12.77 -18.87 -1.85
N ILE A 98 13.40 -19.88 -2.47
CA ILE A 98 13.68 -21.14 -1.77
C ILE A 98 14.91 -21.00 -0.88
N SER A 99 15.97 -20.41 -1.41
CA SER A 99 17.19 -20.16 -0.64
CA SER A 99 17.19 -20.15 -0.65
C SER A 99 17.60 -18.70 -0.84
N PRO A 100 17.04 -17.79 -0.07
CA PRO A 100 17.33 -16.35 -0.25
C PRO A 100 18.81 -16.05 -0.22
N PRO A 101 19.32 -15.38 -1.25
CA PRO A 101 20.76 -15.11 -1.31
C PRO A 101 21.14 -13.96 -0.38
N THR A 102 22.44 -13.90 -0.09
CA THR A 102 23.00 -12.87 0.77
C THR A 102 23.61 -11.77 -0.06
N LEU A 103 23.26 -10.54 0.27
CA LEU A 103 23.98 -9.36 -0.22
C LEU A 103 24.95 -8.98 0.90
N LYS A 104 26.23 -9.23 0.65
CA LYS A 104 27.27 -9.09 1.66
C LYS A 104 28.04 -7.81 1.42
N ALA A 105 27.92 -6.85 2.32
CA ALA A 105 28.66 -5.59 2.20
C ALA A 105 30.14 -5.83 2.49
N ALA A 106 31.00 -5.39 1.57
CA ALA A 106 32.43 -5.50 1.80
C ALA A 106 32.86 -4.62 2.97
N ALA A 107 33.99 -5.01 3.59
CA ALA A 107 34.48 -4.25 4.74
C ALA A 107 34.64 -2.78 4.39
N ASN A 108 35.02 -2.48 3.16
CA ASN A 108 35.26 -1.13 2.70
C ASN A 108 34.14 -0.60 1.83
N PHE A 109 32.95 -1.16 1.98
CA PHE A 109 31.78 -0.63 1.29
C PHE A 109 31.68 0.88 1.49
N GLU A 110 31.43 1.59 0.39
CA GLU A 110 31.17 3.02 0.39
C GLU A 110 29.85 3.31 -0.30
N GLY A 111 29.03 4.16 0.32
CA GLY A 111 27.76 4.52 -0.26
C GLY A 111 26.62 4.66 0.72
N MET A 112 25.47 5.16 0.25
CA MET A 112 24.33 5.43 1.11
CA MET A 112 24.37 5.43 1.15
C MET A 112 23.83 4.15 1.79
N ALA A 113 23.69 3.08 1.02
CA ALA A 113 23.07 1.86 1.52
C ALA A 113 23.39 0.72 0.55
N VAL A 114 23.25 -0.52 1.04
CA VAL A 114 23.50 -1.67 0.17
C VAL A 114 22.54 -1.66 -1.01
N ILE A 115 21.25 -1.38 -0.75
CA ILE A 115 20.28 -1.12 -1.81
C ILE A 115 19.77 0.31 -1.65
N ASP A 116 19.87 1.09 -2.72
CA ASP A 116 19.40 2.47 -2.75
C ASP A 116 18.25 2.55 -3.74
N ALA A 117 17.04 2.80 -3.23
CA ALA A 117 15.87 2.92 -4.09
C ALA A 117 15.57 4.35 -4.50
N ASP A 118 16.33 5.34 -4.01
CA ASP A 118 16.15 6.71 -4.52
C ASP A 118 17.43 7.49 -4.27
N PRO A 119 18.42 7.38 -5.15
CA PRO A 119 19.71 8.04 -4.90
C PRO A 119 19.60 9.55 -4.83
N TYR A 120 20.58 10.16 -4.15
CA TYR A 120 20.76 11.60 -4.14
C TYR A 120 21.96 11.92 -5.01
N ASP A 121 21.81 12.90 -5.91
CA ASP A 121 22.97 13.35 -6.67
C ASP A 121 23.81 14.29 -5.82
N GLU A 122 24.89 14.82 -6.39
CA GLU A 122 25.80 15.67 -5.63
C GLU A 122 25.16 17.00 -5.23
N ASN A 123 24.08 17.40 -5.90
CA ASN A 123 23.33 18.58 -5.50
C ASN A 123 22.37 18.31 -4.34
N GLY A 124 22.31 17.07 -3.85
CA GLY A 124 21.35 16.74 -2.82
C GLY A 124 19.93 16.58 -3.32
N ASN A 125 19.75 16.34 -4.61
CA ASN A 125 18.42 16.13 -5.19
C ASN A 125 18.21 14.66 -5.48
N ASN A 126 17.01 14.17 -5.17
CA ASN A 126 16.67 12.78 -5.46
C ASN A 126 16.62 12.55 -6.97
N TRP A 127 16.94 11.32 -7.37
CA TRP A 127 16.67 10.92 -8.75
C TRP A 127 15.18 11.01 -9.08
N TRP A 128 14.32 10.53 -8.16
CA TRP A 128 12.88 10.56 -8.35
C TRP A 128 12.23 11.25 -7.17
N THR A 129 11.22 12.08 -7.45
CA THR A 129 10.40 12.62 -6.39
C THR A 129 9.89 11.48 -5.53
N ASN A 130 10.10 11.57 -4.21
CA ASN A 130 9.79 10.43 -3.36
C ASN A 130 8.32 10.05 -3.43
N GLN A 131 7.42 11.03 -3.58
CA GLN A 131 6.00 10.70 -3.64
C GLN A 131 5.58 10.07 -4.96
N ASN A 132 6.48 10.02 -5.95
CA ASN A 132 6.19 9.39 -7.24
C ASN A 132 6.97 8.10 -7.45
N ASN A 133 7.60 7.56 -6.42
CA ASN A 133 8.53 6.44 -6.61
C ASN A 133 7.78 5.12 -6.40
N PHE A 134 6.93 4.78 -7.39
CA PHE A 134 5.94 3.70 -7.36
C PHE A 134 6.45 2.40 -7.98
N PHE A 135 5.73 1.31 -7.67
CA PHE A 135 5.83 0.01 -8.36
C PHE A 135 7.23 -0.61 -8.23
N ARG A 136 7.50 -1.11 -7.02
CA ARG A 136 8.76 -1.75 -6.71
C ARG A 136 8.56 -2.97 -5.84
N GLN A 137 9.51 -3.89 -5.93
CA GLN A 137 9.66 -4.99 -4.98
C GLN A 137 11.12 -5.11 -4.57
N VAL A 138 11.35 -5.45 -3.31
CA VAL A 138 12.59 -6.13 -2.91
C VAL A 138 12.16 -7.32 -2.08
N ARG A 139 12.49 -8.53 -2.54
CA ARG A 139 12.04 -9.71 -1.81
C ARG A 139 13.08 -10.83 -1.86
N ASN A 140 13.18 -11.55 -0.73
CA ASN A 140 13.96 -12.78 -0.54
C ASN A 140 15.46 -12.52 -0.50
N PHE A 141 15.93 -11.82 0.54
CA PHE A 141 17.36 -11.54 0.69
C PHE A 141 17.78 -11.64 2.15
N VAL A 142 19.06 -11.92 2.34
CA VAL A 142 19.77 -11.60 3.57
C VAL A 142 20.73 -10.45 3.25
N ILE A 143 20.65 -9.37 4.00
CA ILE A 143 21.53 -8.21 3.81
C ILE A 143 22.45 -8.17 5.01
N ASP A 144 23.75 -8.33 4.76
CA ASP A 144 24.73 -8.58 5.81
C ASP A 144 25.69 -7.40 5.86
N LEU A 145 25.63 -6.62 6.95
CA LEU A 145 26.53 -5.49 7.17
C LEU A 145 27.65 -5.80 8.16
N THR A 146 27.81 -7.05 8.56
CA THR A 146 28.69 -7.32 9.71
C THR A 146 30.17 -7.18 9.40
N ALA A 147 30.56 -7.12 8.12
CA ALA A 147 31.96 -6.84 7.80
C ALA A 147 32.27 -5.35 7.79
N MET A 148 31.25 -4.49 7.72
CA MET A 148 31.46 -3.05 7.72
C MET A 148 31.80 -2.56 9.13
N PRO A 149 32.41 -1.37 9.24
CA PRO A 149 32.62 -0.77 10.56
C PRO A 149 31.31 -0.61 11.31
N PHE A 150 31.37 -0.74 12.64
CA PHE A 150 30.17 -0.53 13.44
C PHE A 150 29.66 0.90 13.31
N GLU A 151 30.53 1.83 12.92
CA GLU A 151 30.15 3.24 12.82
C GLU A 151 29.37 3.59 11.56
N VAL A 152 29.26 2.71 10.57
CA VAL A 152 28.58 3.03 9.31
C VAL A 152 27.86 1.81 8.77
N GLY A 153 26.77 2.05 8.04
CA GLY A 153 26.17 1.00 7.24
C GLY A 153 24.65 1.03 7.30
N SER A 154 24.00 0.96 6.14
CA SER A 154 22.55 0.89 6.05
C SER A 154 22.18 -0.19 5.06
N GLY A 155 21.18 -1.00 5.41
CA GLY A 155 20.76 -2.07 4.50
C GLY A 155 20.08 -1.56 3.24
N ILE A 156 18.98 -0.82 3.42
CA ILE A 156 18.19 -0.32 2.29
C ILE A 156 17.84 1.13 2.57
N HIS A 157 18.12 2.00 1.62
CA HIS A 157 17.54 3.35 1.62
C HIS A 157 16.19 3.24 0.93
N TRP A 158 15.13 3.14 1.72
CA TRP A 158 13.80 2.77 1.21
C TRP A 158 12.92 4.02 1.21
N GLN A 159 13.13 4.85 0.20
CA GLN A 159 12.46 6.12 0.00
C GLN A 159 11.54 5.93 -1.20
N VAL A 160 10.28 5.60 -0.92
CA VAL A 160 9.39 5.03 -1.93
C VAL A 160 7.96 5.51 -1.71
N ALA A 161 7.09 5.20 -2.70
CA ALA A 161 5.68 5.54 -2.64
C ALA A 161 4.82 4.28 -2.72
N GLN A 162 3.64 4.37 -3.32
CA GLN A 162 2.66 3.27 -3.24
C GLN A 162 3.03 2.13 -4.19
N ALA A 163 2.34 0.99 -4.02
CA ALA A 163 2.59 -0.23 -4.80
C ALA A 163 4.06 -0.64 -4.69
N THR A 164 4.60 -0.54 -3.48
CA THR A 164 5.95 -1.00 -3.19
C THR A 164 5.90 -1.95 -1.99
N SER A 165 6.86 -2.88 -1.96
CA SER A 165 6.92 -3.84 -0.87
C SER A 165 8.36 -4.26 -0.61
N LEU A 166 8.66 -4.45 0.67
CA LEU A 166 9.77 -5.28 1.13
C LEU A 166 9.17 -6.55 1.70
N GLN A 167 9.71 -7.70 1.32
CA GLN A 167 9.14 -8.98 1.72
C GLN A 167 10.25 -10.00 1.90
N ASN A 168 10.26 -10.66 3.06
CA ASN A 168 11.17 -11.78 3.32
C ASN A 168 12.64 -11.35 3.21
N ILE A 169 13.02 -10.41 4.07
CA ILE A 169 14.40 -9.91 4.12
C ILE A 169 14.91 -10.01 5.55
N VAL A 170 16.12 -10.55 5.69
CA VAL A 170 16.84 -10.58 6.96
C VAL A 170 17.95 -9.52 6.89
N PHE A 171 18.04 -8.68 7.90
CA PHE A 171 19.08 -7.65 7.99
C PHE A 171 20.02 -8.03 9.14
N ASN A 172 21.26 -8.36 8.81
CA ASN A 172 22.24 -8.78 9.82
C ASN A 172 23.25 -7.67 10.04
N MET A 173 23.29 -7.15 11.27
CA MET A 173 24.12 -6.00 11.59
CA MET A 173 24.07 -5.97 11.63
C MET A 173 24.93 -6.27 12.86
N ARG A 174 25.97 -5.46 13.04
CA ARG A 174 26.83 -5.63 14.20
C ARG A 174 26.13 -5.20 15.50
N THR A 175 26.54 -5.83 16.60
CA THR A 175 25.99 -5.53 17.91
C THR A 175 27.00 -4.84 18.83
N ASP A 176 28.23 -4.58 18.38
CA ASP A 176 29.24 -3.95 19.21
C ASP A 176 29.32 -2.44 18.95
N GLY A 177 30.04 -1.75 19.85
CA GLY A 177 30.32 -0.33 19.69
C GLY A 177 29.52 0.60 20.59
N GLY A 178 28.53 0.09 21.32
CA GLY A 178 27.75 0.92 22.22
C GLY A 178 27.12 2.10 21.50
N ASP A 179 27.18 3.27 22.14
CA ASP A 179 26.64 4.50 21.57
C ASP A 179 27.26 4.86 20.22
N ASP A 180 28.34 4.19 19.83
CA ASP A 180 29.03 4.54 18.59
C ASP A 180 28.66 3.64 17.42
N ASN A 181 27.91 2.57 17.67
CA ASN A 181 27.30 1.79 16.60
C ASN A 181 26.26 2.64 15.90
N ARG A 182 26.31 2.71 14.57
CA ARG A 182 25.35 3.48 13.81
C ARG A 182 24.73 2.70 12.66
N GLN A 183 24.92 1.39 12.61
CA GLN A 183 24.33 0.58 11.56
C GLN A 183 22.80 0.53 11.72
N GLN A 184 22.12 0.46 10.58
CA GLN A 184 20.67 0.36 10.60
C GLN A 184 20.20 -0.50 9.45
N GLY A 185 19.09 -1.20 9.65
CA GLY A 185 18.61 -2.10 8.61
C GLY A 185 17.98 -1.35 7.46
N ILE A 186 16.97 -0.54 7.76
CA ILE A 186 16.34 0.36 6.79
C ILE A 186 16.64 1.80 7.22
N PHE A 187 17.07 2.61 6.25
CA PHE A 187 17.07 4.06 6.42
C PHE A 187 16.01 4.65 5.50
N MET A 188 15.03 5.30 6.10
CA MET A 188 13.94 5.91 5.35
C MET A 188 13.81 7.36 5.78
N ASP A 189 14.05 8.28 4.84
CA ASP A 189 13.94 9.70 5.15
C ASP A 189 12.52 10.24 4.96
N ASN A 190 11.83 9.87 3.89
CA ASN A 190 10.45 10.28 3.67
C ASN A 190 9.82 9.32 2.65
N GLY A 191 8.59 9.63 2.24
CA GLY A 191 7.91 8.84 1.21
C GLY A 191 6.43 8.74 1.49
N SER A 192 5.79 7.78 0.83
CA SER A 192 4.33 7.62 0.90
C SER A 192 4.00 6.14 0.64
N GLY A 193 4.18 5.31 1.67
CA GLY A 193 4.03 3.86 1.52
C GLY A 193 2.60 3.40 1.30
N GLY A 194 2.41 2.12 0.98
CA GLY A 194 3.48 1.12 0.92
C GLY A 194 3.26 0.00 1.95
N LEU A 195 3.90 -1.14 1.70
CA LEU A 195 3.80 -2.32 2.55
C LEU A 195 5.19 -2.88 2.85
N MET A 196 5.37 -3.41 4.06
CA MET A 196 6.46 -4.34 4.36
C MET A 196 5.89 -5.54 5.08
N VAL A 197 6.40 -6.74 4.76
CA VAL A 197 6.01 -7.95 5.47
C VAL A 197 7.21 -8.87 5.63
N ASP A 198 7.18 -9.67 6.69
CA ASP A 198 8.10 -10.80 6.85
C ASP A 198 9.57 -10.33 6.84
N LEU A 199 9.90 -9.41 7.74
CA LEU A 199 11.27 -8.91 7.87
C LEU A 199 11.85 -9.30 9.21
N VAL A 200 13.16 -9.54 9.25
CA VAL A 200 13.89 -9.81 10.49
C VAL A 200 15.11 -8.90 10.54
N PHE A 201 15.31 -8.25 11.69
CA PHE A 201 16.42 -7.33 11.92
C PHE A 201 17.23 -7.84 13.09
N ASN A 202 18.53 -8.07 12.88
CA ASN A 202 19.43 -8.56 13.91
C ASN A 202 20.52 -7.52 14.14
N GLY A 203 20.61 -7.00 15.37
CA GLY A 203 21.66 -6.07 15.71
C GLY A 203 21.42 -4.65 15.22
N GLY A 204 22.51 -3.87 15.25
CA GLY A 204 22.51 -2.50 14.78
C GLY A 204 22.07 -1.51 15.84
N ARG A 205 22.27 -0.23 15.51
CA ARG A 205 21.76 0.85 16.36
C ARG A 205 20.24 0.94 16.21
N TYR A 206 19.74 0.91 14.98
CA TYR A 206 18.31 0.91 14.68
C TYR A 206 18.01 -0.29 13.81
N GLY A 207 17.01 -1.10 14.17
CA GLY A 207 16.48 -2.01 13.17
C GLY A 207 16.02 -1.23 11.94
N ALA A 208 15.17 -0.25 12.17
CA ALA A 208 14.68 0.61 11.12
C ALA A 208 14.62 2.04 11.61
N PHE A 209 15.09 2.96 10.77
CA PHE A 209 14.91 4.40 10.95
C PHE A 209 13.84 4.82 9.94
N PHE A 210 12.69 5.24 10.43
CA PHE A 210 11.48 5.38 9.63
C PHE A 210 11.00 6.83 9.57
N GLY A 211 10.57 7.27 8.40
CA GLY A 211 9.92 8.56 8.26
C GLY A 211 9.10 8.53 6.99
N ASN A 212 7.80 8.81 7.08
CA ASN A 212 6.92 8.57 5.94
C ASN A 212 5.54 9.14 6.25
N GLN A 213 4.81 9.51 5.20
CA GLN A 213 3.41 9.89 5.42
C GLN A 213 2.63 8.77 6.09
N GLN A 214 2.69 7.56 5.52
CA GLN A 214 1.94 6.43 6.07
C GLN A 214 2.52 5.13 5.54
N PHE A 215 2.38 4.08 6.35
CA PHE A 215 2.90 2.77 5.97
C PHE A 215 2.14 1.70 6.73
N THR A 216 2.09 0.50 6.15
CA THR A 216 1.58 -0.70 6.82
C THR A 216 2.71 -1.72 6.83
N THR A 217 3.12 -2.16 8.02
CA THR A 217 4.25 -3.10 8.13
C THR A 217 3.93 -4.17 9.16
N ARG A 218 3.98 -5.44 8.75
CA ARG A 218 3.54 -6.51 9.62
C ARG A 218 4.48 -7.69 9.51
N ASN A 219 4.42 -8.55 10.53
CA ASN A 219 5.38 -9.63 10.80
C ASN A 219 6.82 -9.14 10.64
N LEU A 220 7.20 -8.28 11.58
CA LEU A 220 8.57 -7.80 11.71
C LEU A 220 9.14 -8.32 13.02
N THR A 221 10.37 -8.81 12.98
CA THR A 221 11.08 -9.26 14.17
C THR A 221 12.37 -8.45 14.32
N PHE A 222 12.63 -7.96 15.53
CA PHE A 222 13.84 -7.21 15.84
C PHE A 222 14.55 -7.89 17.00
N ASN A 223 15.82 -8.27 16.79
CA ASN A 223 16.62 -8.95 17.80
C ASN A 223 17.88 -8.16 18.11
N ASN A 224 18.07 -7.78 19.37
CA ASN A 224 19.35 -7.25 19.85
C ASN A 224 19.72 -5.93 19.18
N CYS A 225 18.72 -5.13 18.80
CA CYS A 225 18.93 -3.77 18.34
C CYS A 225 19.01 -2.84 19.54
N LYS A 226 19.69 -1.72 19.36
CA LYS A 226 19.63 -0.72 20.43
C LYS A 226 18.23 -0.13 20.52
N THR A 227 17.73 0.40 19.41
CA THR A 227 16.32 0.76 19.27
C THR A 227 15.77 -0.01 18.08
N ALA A 228 14.71 -0.80 18.30
CA ALA A 228 14.17 -1.57 17.19
C ALA A 228 13.68 -0.66 16.08
N ILE A 229 12.82 0.30 16.42
CA ILE A 229 12.16 1.16 15.45
C ILE A 229 12.33 2.58 15.93
N PHE A 230 13.07 3.38 15.17
CA PHE A 230 13.14 4.82 15.41
C PHE A 230 12.19 5.50 14.44
N MET A 231 11.08 6.00 14.98
CA MET A 231 10.07 6.67 14.16
C MET A 231 10.42 8.16 14.18
N ASN A 232 11.08 8.61 13.11
CA ASN A 232 11.56 9.98 13.02
C ASN A 232 10.39 10.96 12.81
N TRP A 233 9.48 10.63 11.90
CA TRP A 233 8.29 11.43 11.66
C TRP A 233 7.28 10.57 10.92
N ASN A 234 6.01 10.92 11.05
CA ASN A 234 5.00 10.33 10.18
C ASN A 234 3.73 11.16 10.30
N TRP A 235 2.73 10.81 9.48
CA TRP A 235 1.35 11.12 9.81
C TRP A 235 0.64 9.94 10.44
N ALA A 236 0.86 8.72 9.93
CA ALA A 236 0.25 7.53 10.50
C ALA A 236 1.12 6.33 10.14
N TRP A 237 1.08 5.32 11.00
CA TRP A 237 1.82 4.08 10.71
C TRP A 237 1.15 2.96 11.49
N THR A 238 0.84 1.86 10.82
CA THR A 238 0.25 0.70 11.49
C THR A 238 1.22 -0.47 11.43
N PHE A 239 1.59 -0.96 12.62
CA PHE A 239 2.38 -2.17 12.81
C PHE A 239 1.47 -3.29 13.29
N GLN A 240 1.70 -4.49 12.76
CA GLN A 240 0.98 -5.65 13.28
C GLN A 240 1.92 -6.85 13.33
N ASP A 241 1.73 -7.70 14.34
CA ASP A 241 2.53 -8.93 14.46
C ASP A 241 4.03 -8.59 14.48
N VAL A 242 4.37 -7.60 15.31
CA VAL A 242 5.76 -7.21 15.52
C VAL A 242 6.29 -7.92 16.74
N LYS A 243 7.48 -8.50 16.61
CA LYS A 243 8.19 -9.15 17.71
C LYS A 243 9.47 -8.38 17.94
N ILE A 244 9.58 -7.74 19.10
CA ILE A 244 10.79 -7.01 19.48
C ILE A 244 11.44 -7.80 20.63
N ASN A 245 12.73 -8.12 20.49
CA ASN A 245 13.41 -9.03 21.39
C ASN A 245 14.75 -8.45 21.81
N ASN A 246 14.93 -8.28 23.12
CA ASN A 246 16.21 -7.86 23.69
CA ASN A 246 16.21 -7.85 23.69
C ASN A 246 16.73 -6.57 23.06
N CYS A 247 15.89 -5.55 23.02
CA CYS A 247 16.35 -4.25 22.57
C CYS A 247 16.36 -3.30 23.76
N GLU A 248 17.07 -2.18 23.64
CA GLU A 248 17.00 -1.18 24.70
C GLU A 248 15.66 -0.45 24.66
N VAL A 249 15.22 -0.05 23.47
CA VAL A 249 13.95 0.62 23.24
C VAL A 249 13.25 -0.11 22.11
N GLY A 250 11.94 -0.32 22.24
CA GLY A 250 11.18 -0.93 21.16
C GLY A 250 10.85 0.06 20.05
N ILE A 251 9.90 0.95 20.30
CA ILE A 251 9.55 2.01 19.37
C ILE A 251 9.87 3.35 20.03
N ASP A 252 10.77 4.10 19.42
CA ASP A 252 11.04 5.47 19.84
C ASP A 252 10.21 6.39 18.94
N MET A 253 9.20 7.04 19.53
CA MET A 253 8.35 7.98 18.80
C MET A 253 8.31 9.35 19.46
N SER A 254 9.36 9.69 20.21
CA SER A 254 9.40 10.92 21.00
C SER A 254 10.16 12.05 20.31
N ASN A 255 10.56 11.86 19.05
CA ASN A 255 11.35 12.88 18.39
CA ASN A 255 11.33 12.89 18.35
C ASN A 255 10.62 14.22 18.37
N GLY A 256 11.39 15.28 18.63
CA GLY A 256 10.86 16.61 18.70
C GLY A 256 10.49 17.06 20.09
N GLY A 257 10.35 16.15 21.03
CA GLY A 257 10.03 16.51 22.40
C GLY A 257 8.60 16.97 22.56
N PRO A 258 8.22 17.31 23.80
CA PRO A 258 6.79 17.57 24.08
C PRO A 258 6.21 18.78 23.37
N ASP A 259 7.04 19.68 22.84
CA ASP A 259 6.54 20.86 22.14
C ASP A 259 6.84 20.85 20.65
N GLY A 260 7.27 19.70 20.11
CA GLY A 260 7.54 19.64 18.69
C GLY A 260 7.53 18.22 18.17
N GLN A 261 6.58 17.41 18.63
CA GLN A 261 6.55 16.01 18.23
C GLN A 261 6.32 15.87 16.73
N THR A 262 7.25 15.20 16.05
CA THR A 262 7.16 15.02 14.61
C THR A 262 6.48 13.70 14.22
N VAL A 263 6.17 12.83 15.16
CA VAL A 263 5.44 11.60 14.87
C VAL A 263 3.95 11.86 15.03
N GLY A 264 3.21 11.73 13.93
CA GLY A 264 1.77 11.96 13.97
C GLY A 264 1.02 10.92 14.78
N SER A 265 1.19 9.64 14.47
CA SER A 265 0.45 8.58 15.14
C SER A 265 1.11 7.24 14.84
N VAL A 266 1.02 6.33 15.81
CA VAL A 266 1.51 4.97 15.68
C VAL A 266 0.43 4.02 16.18
N LEU A 267 0.22 2.92 15.47
CA LEU A 267 -0.64 1.86 15.94
C LEU A 267 0.16 0.56 15.98
N LEU A 268 0.00 -0.20 17.07
CA LEU A 268 0.73 -1.45 17.27
C LEU A 268 -0.29 -2.51 17.67
N LEU A 269 -0.48 -3.50 16.79
CA LEU A 269 -1.50 -4.54 16.95
C LEU A 269 -0.84 -5.92 17.04
N ASP A 270 -1.40 -6.81 17.87
CA ASP A 270 -1.07 -8.23 17.82
C ASP A 270 0.44 -8.45 17.91
N SER A 271 1.08 -7.78 18.89
CA SER A 271 2.54 -7.72 18.93
C SER A 271 3.08 -8.15 20.28
N HIS A 272 4.40 -8.31 20.34
CA HIS A 272 5.11 -8.77 21.52
C HIS A 272 6.41 -7.99 21.66
N ILE A 273 6.63 -7.37 22.82
CA ILE A 273 7.88 -6.69 23.12
C ILE A 273 8.52 -7.42 24.30
N THR A 274 9.63 -8.10 24.03
CA THR A 274 10.22 -9.05 24.97
C THR A 274 11.63 -8.60 25.38
N ASN A 275 11.92 -8.68 26.67
CA ASN A 275 13.28 -8.47 27.18
C ASN A 275 13.84 -7.11 26.75
N THR A 276 12.98 -6.10 26.77
CA THR A 276 13.31 -4.79 26.25
C THR A 276 13.20 -3.77 27.37
N GLY A 277 14.12 -2.79 27.38
CA GLY A 277 14.19 -1.85 28.48
C GLY A 277 12.95 -0.97 28.57
N ILE A 278 12.59 -0.32 27.46
CA ILE A 278 11.41 0.52 27.36
C ILE A 278 10.66 0.09 26.10
N GLY A 279 9.40 -0.31 26.26
CA GLY A 279 8.64 -0.75 25.10
C GLY A 279 8.45 0.35 24.07
N ILE A 280 7.86 1.46 24.50
CA ILE A 280 7.61 2.59 23.62
C ILE A 280 7.98 3.87 24.36
N LYS A 281 8.81 4.69 23.73
CA LYS A 281 9.17 6.02 24.22
C LYS A 281 8.31 7.06 23.52
N THR A 282 7.57 7.84 24.30
CA THR A 282 6.68 8.87 23.76
C THR A 282 6.88 10.17 24.54
N ALA A 283 6.51 11.28 23.91
CA ALA A 283 6.48 12.58 24.58
C ALA A 283 5.05 13.07 24.81
N TYR A 284 4.06 12.21 24.58
CA TYR A 284 2.66 12.64 24.64
C TYR A 284 2.20 12.83 26.08
N ASP A 285 1.38 13.85 26.28
CA ASP A 285 0.69 14.09 27.55
C ASP A 285 -0.68 14.63 27.16
N PRO A 286 -1.75 14.14 27.78
CA PRO A 286 -3.11 14.56 27.35
C PRO A 286 -3.43 16.03 27.63
N ALA A 287 -2.59 16.77 28.35
CA ALA A 287 -2.80 18.20 28.50
C ALA A 287 -2.18 19.00 27.38
N GLN A 288 -1.48 18.35 26.45
CA GLN A 288 -0.86 19.06 25.35
C GLN A 288 -1.93 19.61 24.41
N PRO A 289 -1.62 20.66 23.66
CA PRO A 289 -2.64 21.32 22.83
C PRO A 289 -2.98 20.60 21.53
N HIS A 290 -2.19 19.60 21.10
CA HIS A 290 -2.35 18.98 19.79
C HIS A 290 -2.45 17.47 19.95
N THR A 291 -2.58 16.77 18.81
CA THR A 291 -2.69 15.32 18.84
C THR A 291 -1.41 14.61 18.41
N ASN A 292 -0.32 15.34 18.19
CA ASN A 292 0.93 14.67 17.81
C ASN A 292 1.30 13.62 18.86
N GLY A 293 1.87 12.52 18.39
CA GLY A 293 2.23 11.44 19.30
C GLY A 293 1.09 10.54 19.69
N THR A 294 0.00 10.55 18.93
CA THR A 294 -1.09 9.61 19.14
C THR A 294 -0.59 8.18 19.06
N LEU A 295 -1.05 7.34 19.99
CA LEU A 295 -0.62 5.94 20.04
C LEU A 295 -1.81 5.04 20.36
N ILE A 296 -1.95 3.96 19.61
CA ILE A 296 -2.90 2.87 19.89
C ILE A 296 -2.12 1.58 20.05
N LEU A 297 -2.37 0.88 21.16
CA LEU A 297 -1.92 -0.49 21.35
C LEU A 297 -3.14 -1.38 21.39
N ASP A 298 -3.09 -2.49 20.64
CA ASP A 298 -4.19 -3.45 20.63
C ASP A 298 -3.56 -4.83 20.68
N ASN A 299 -3.76 -5.55 21.78
CA ASN A 299 -3.32 -6.93 21.92
C ASN A 299 -1.78 -7.00 21.82
N VAL A 300 -1.11 -6.36 22.78
CA VAL A 300 0.35 -6.30 22.81
C VAL A 300 0.88 -6.86 24.12
N GLU A 301 1.72 -7.89 24.05
CA GLU A 301 2.34 -8.49 25.24
C GLU A 301 3.68 -7.80 25.53
N MET A 302 4.06 -7.76 26.83
CA MET A 302 5.23 -7.00 27.29
CA MET A 302 5.25 -7.01 27.26
C MET A 302 6.13 -7.86 28.19
N THR A 303 6.56 -9.01 27.70
CA THR A 303 7.24 -10.00 28.52
C THR A 303 8.69 -9.61 28.82
N GLY A 304 9.08 -9.59 30.10
CA GLY A 304 10.44 -9.18 30.42
C GLY A 304 10.73 -7.75 30.06
N THR A 305 9.69 -6.93 29.91
CA THR A 305 9.81 -5.55 29.52
C THR A 305 9.14 -4.74 30.63
N PRO A 306 9.91 -4.21 31.58
CA PRO A 306 9.28 -3.65 32.79
C PRO A 306 8.52 -2.37 32.53
N ILE A 307 8.95 -1.56 31.56
CA ILE A 307 8.29 -0.30 31.22
C ILE A 307 7.68 -0.48 29.84
N ALA A 308 6.35 -0.54 29.77
CA ALA A 308 5.67 -0.72 28.48
C ALA A 308 5.64 0.58 27.68
N VAL A 309 5.26 1.67 28.33
CA VAL A 309 5.18 2.98 27.69
C VAL A 309 5.78 3.98 28.66
N GLN A 310 6.74 4.75 28.18
CA GLN A 310 7.40 5.75 29.01
C GLN A 310 7.24 7.13 28.38
N ASN A 311 6.91 8.11 29.20
CA ASN A 311 7.04 9.50 28.78
C ASN A 311 8.49 9.91 29.02
N ASP A 312 9.26 10.01 27.94
CA ASP A 312 10.68 10.28 28.12
C ASP A 312 10.97 11.76 28.30
N ALA A 313 9.97 12.63 28.18
CA ALA A 313 10.17 14.02 28.56
C ALA A 313 10.18 14.18 30.07
N THR A 314 9.31 13.44 30.77
CA THR A 314 9.22 13.48 32.21
C THR A 314 9.89 12.29 32.89
N GLY A 315 10.32 11.28 32.13
CA GLY A 315 10.86 10.08 32.72
C GLY A 315 9.83 9.20 33.40
N THR A 316 8.55 9.47 33.22
CA THR A 316 7.48 8.81 33.94
C THR A 316 6.99 7.58 33.19
N THR A 317 6.79 6.49 33.93
CA THR A 317 6.21 5.28 33.36
C THR A 317 4.70 5.48 33.18
N ILE A 318 4.26 5.41 31.92
CA ILE A 318 2.83 5.59 31.64
C ILE A 318 2.09 4.29 31.79
N VAL A 319 2.64 3.20 31.24
CA VAL A 319 2.06 1.87 31.34
C VAL A 319 3.15 0.91 31.80
N ASP A 320 2.84 0.13 32.83
CA ASP A 320 3.74 -0.91 33.30
C ASP A 320 3.74 -2.09 32.34
N GLY A 321 4.90 -2.73 32.23
CA GLY A 321 5.07 -3.90 31.40
C GLY A 321 4.82 -5.20 32.16
N ASN A 322 5.42 -6.26 31.64
CA ASN A 322 5.27 -7.61 32.21
C ASN A 322 3.80 -7.97 32.36
N GLN A 323 3.02 -7.62 31.35
CA GLN A 323 1.61 -7.95 31.29
C GLN A 323 1.17 -7.84 29.83
N LYS A 324 0.00 -8.37 29.54
CA LYS A 324 -0.64 -8.18 28.26
C LYS A 324 -1.44 -6.88 28.31
N ILE A 325 -1.21 -6.00 27.32
CA ILE A 325 -1.99 -4.78 27.18
CA ILE A 325 -1.99 -4.78 27.18
C ILE A 325 -3.08 -5.07 26.15
N ALA A 326 -4.33 -5.21 26.62
CA ALA A 326 -5.41 -5.49 25.68
C ALA A 326 -5.67 -4.32 24.75
N PHE A 327 -5.71 -3.11 25.29
CA PHE A 327 -5.97 -1.90 24.53
C PHE A 327 -5.39 -0.71 25.29
N PHE A 328 -4.76 0.19 24.55
CA PHE A 328 -4.26 1.45 25.10
C PHE A 328 -4.45 2.52 24.05
N ALA A 329 -4.90 3.70 24.47
CA ALA A 329 -5.03 4.84 23.58
C ALA A 329 -4.48 6.08 24.25
N GLN A 330 -3.68 6.85 23.52
CA GLN A 330 -3.39 8.22 23.92
C GLN A 330 -3.63 9.10 22.71
N GLY A 331 -4.19 10.29 22.96
CA GLY A 331 -4.72 11.13 21.91
C GLY A 331 -6.18 11.41 22.20
N ARG A 332 -6.89 11.91 21.18
CA ARG A 332 -8.29 12.27 21.36
C ARG A 332 -9.21 11.15 20.94
N THR A 333 -10.22 10.89 21.78
CA THR A 333 -11.22 9.87 21.54
C THR A 333 -12.61 10.50 21.51
N TYR A 334 -13.46 9.93 20.66
CA TYR A 334 -14.84 10.34 20.49
C TYR A 334 -15.76 9.13 20.58
N GLY A 335 -17.01 9.39 20.91
CA GLY A 335 -17.99 8.33 21.04
C GLY A 335 -17.89 7.62 22.38
N GLY A 336 -18.86 6.74 22.62
CA GLY A 336 -18.89 5.93 23.82
C GLY A 336 -18.94 6.74 25.10
N SER A 337 -18.54 6.09 26.19
CA SER A 337 -18.61 6.71 27.51
C SER A 337 -17.50 7.71 27.76
N ILE A 338 -16.35 7.55 27.10
CA ILE A 338 -15.17 8.35 27.41
C ILE A 338 -15.18 9.68 26.65
N GLY A 339 -15.22 9.60 25.32
CA GLY A 339 -15.08 10.80 24.52
C GLY A 339 -16.39 11.54 24.27
N GLY A 340 -17.47 10.81 24.07
CA GLY A 340 -18.74 11.46 23.80
C GLY A 340 -18.75 12.18 22.46
N THR A 341 -19.63 13.19 22.36
CA THR A 341 -19.75 13.94 21.11
C THR A 341 -18.71 15.04 20.99
N SER A 342 -18.25 15.60 22.11
CA SER A 342 -17.27 16.69 22.06
C SER A 342 -15.82 16.19 22.00
N GLY A 343 -15.55 14.95 22.39
CA GLY A 343 -14.20 14.43 22.36
C GLY A 343 -13.44 14.72 23.65
N LYS A 344 -12.41 13.90 23.91
CA LYS A 344 -11.61 14.04 25.11
C LYS A 344 -10.23 13.48 24.85
N ALA A 345 -9.18 14.21 25.26
CA ALA A 345 -7.82 13.69 25.21
C ALA A 345 -7.59 12.72 26.37
N VAL A 346 -7.03 11.55 26.07
CA VAL A 346 -6.84 10.51 27.07
C VAL A 346 -5.43 9.95 26.92
N GLN A 347 -5.01 9.21 27.96
CA GLN A 347 -3.77 8.43 27.95
C GLN A 347 -4.02 7.28 28.92
N THR A 348 -4.55 6.17 28.41
CA THR A 348 -5.11 5.17 29.30
C THR A 348 -5.14 3.80 28.64
N THR A 349 -5.01 2.77 29.46
CA THR A 349 -5.42 1.44 29.06
C THR A 349 -6.93 1.33 29.16
N GLU A 350 -7.51 0.38 28.43
CA GLU A 350 -8.95 0.18 28.46
C GLU A 350 -9.28 -1.25 28.05
N GLN A 351 -10.58 -1.53 27.93
CA GLN A 351 -11.06 -2.87 27.64
C GLN A 351 -10.62 -3.31 26.24
N ALA A 352 -10.47 -4.63 26.08
CA ALA A 352 -10.10 -5.21 24.79
C ALA A 352 -11.11 -4.84 23.71
N ILE A 353 -10.60 -4.62 22.50
CA ILE A 353 -11.45 -4.41 21.33
C ILE A 353 -11.82 -5.79 20.81
N VAL A 354 -13.07 -6.19 21.00
CA VAL A 354 -13.51 -7.52 20.62
C VAL A 354 -13.80 -7.54 19.13
N LYS A 355 -13.15 -8.46 18.42
CA LYS A 355 -13.31 -8.54 16.98
C LYS A 355 -14.00 -9.85 16.61
N PRO A 356 -14.82 -9.85 15.56
CA PRO A 356 -15.49 -11.08 15.12
C PRO A 356 -14.48 -12.19 14.87
N ASN A 357 -14.82 -13.40 15.33
CA ASN A 357 -13.89 -14.52 15.19
C ASN A 357 -13.54 -14.80 13.74
N VAL A 358 -14.44 -14.48 12.80
CA VAL A 358 -14.17 -14.79 11.39
C VAL A 358 -13.03 -13.97 10.83
N LEU A 359 -12.65 -12.89 11.50
CA LEU A 359 -11.52 -12.07 11.07
C LEU A 359 -10.19 -12.54 11.62
N LEU A 360 -10.19 -13.49 12.56
CA LEU A 360 -8.99 -13.83 13.33
C LEU A 360 -8.34 -15.11 12.84
N ASP A 361 -7.04 -15.21 13.10
CA ASP A 361 -6.35 -16.48 12.92
C ASP A 361 -6.66 -17.37 14.12
N PRO A 362 -7.24 -18.55 13.93
CA PRO A 362 -7.62 -19.38 15.09
C PRO A 362 -6.43 -19.90 15.88
N ALA A 363 -5.26 -20.05 15.26
CA ALA A 363 -4.12 -20.56 16.00
C ALA A 363 -3.52 -19.51 16.93
N THR A 364 -3.55 -18.24 16.52
CA THR A 364 -2.88 -17.18 17.28
C THR A 364 -3.84 -16.20 17.94
N GLY A 365 -5.09 -16.12 17.48
CA GLY A 365 -5.97 -15.08 17.95
C GLY A 365 -5.65 -13.69 17.44
N LYS A 366 -4.63 -13.56 16.58
CA LYS A 366 -4.34 -12.31 15.91
C LYS A 366 -5.28 -12.16 14.71
N VAL A 367 -5.41 -10.92 14.21
CA VAL A 367 -6.12 -10.72 12.97
C VAL A 367 -5.42 -11.51 11.87
N PHE A 368 -6.22 -12.17 11.03
CA PHE A 368 -5.65 -13.09 10.06
C PHE A 368 -4.76 -12.36 9.04
N THR A 369 -3.61 -12.97 8.73
CA THR A 369 -2.72 -12.43 7.71
C THR A 369 -2.15 -13.54 6.83
N ARG A 370 -1.81 -13.16 5.59
CA ARG A 370 -1.16 -14.05 4.63
C ARG A 370 -0.35 -13.20 3.67
N SER A 371 0.93 -13.54 3.50
CA SER A 371 1.79 -12.78 2.61
C SER A 371 1.63 -13.21 1.15
N ARG A 372 2.09 -12.34 0.25
CA ARG A 372 2.02 -12.57 -1.19
C ARG A 372 2.59 -13.94 -1.52
N PRO A 373 1.85 -14.80 -2.23
CA PRO A 373 2.36 -16.14 -2.55
C PRO A 373 3.43 -16.12 -3.61
N GLN A 374 4.47 -16.92 -3.39
CA GLN A 374 5.54 -17.09 -4.37
C GLN A 374 5.62 -18.50 -4.93
N TYR A 375 4.78 -19.40 -4.44
CA TYR A 375 4.58 -20.74 -5.03
C TYR A 375 5.90 -21.51 -5.11
N GLU A 376 6.67 -21.45 -4.02
CA GLU A 376 8.00 -22.07 -3.97
C GLU A 376 7.97 -23.52 -4.42
N ASP A 377 6.94 -24.25 -4.04
CA ASP A 377 6.88 -25.69 -4.23
C ASP A 377 6.18 -26.13 -5.50
N VAL A 378 5.70 -25.20 -6.32
CA VAL A 378 4.97 -25.53 -7.54
C VAL A 378 5.98 -25.72 -8.67
N PRO A 379 5.99 -26.88 -9.34
CA PRO A 379 6.94 -27.09 -10.43
C PRO A 379 6.60 -26.22 -11.63
N VAL A 380 7.64 -25.96 -12.45
CA VAL A 380 7.48 -25.11 -13.63
CA VAL A 380 7.45 -25.08 -13.60
C VAL A 380 6.39 -25.63 -14.55
N SER A 381 6.25 -26.96 -14.63
CA SER A 381 5.27 -27.55 -15.54
C SER A 381 3.84 -27.26 -15.15
N SER A 382 3.58 -26.79 -13.94
CA SER A 382 2.22 -26.45 -13.54
C SER A 382 1.80 -25.05 -13.97
N PHE A 383 2.73 -24.27 -14.52
CA PHE A 383 2.43 -22.90 -14.93
C PHE A 383 1.94 -22.89 -16.37
N VAL A 384 0.80 -22.24 -16.59
CA VAL A 384 0.15 -22.19 -17.88
C VAL A 384 0.31 -20.76 -18.40
N SER A 385 1.21 -20.59 -19.37
CA SER A 385 1.49 -19.27 -19.93
C SER A 385 0.37 -18.82 -20.84
N VAL A 386 -0.13 -17.60 -20.65
CA VAL A 386 -1.23 -17.13 -21.50
C VAL A 386 -0.74 -16.94 -22.93
N LYS A 387 0.50 -16.50 -23.11
CA LYS A 387 1.02 -16.30 -24.46
C LYS A 387 1.23 -17.62 -25.19
N ALA A 388 1.64 -18.67 -24.48
CA ALA A 388 1.74 -19.98 -25.11
C ALA A 388 0.38 -20.55 -25.51
N ASN A 389 -0.70 -20.01 -24.95
CA ASN A 389 -2.03 -20.57 -25.15
C ASN A 389 -2.96 -19.57 -25.83
N GLY A 390 -2.41 -18.69 -26.66
CA GLY A 390 -3.22 -17.96 -27.62
C GLY A 390 -3.47 -16.50 -27.31
N ALA A 391 -3.04 -15.99 -26.16
CA ALA A 391 -3.16 -14.56 -25.89
C ALA A 391 -1.95 -13.85 -26.48
N LYS A 392 -2.19 -12.67 -27.07
CA LYS A 392 -1.08 -11.96 -27.69
C LYS A 392 -0.36 -11.03 -26.73
N GLY A 393 -1.09 -10.31 -25.88
CA GLY A 393 -0.44 -9.39 -24.96
C GLY A 393 0.24 -8.23 -25.62
N ASP A 394 -0.22 -7.82 -26.81
CA ASP A 394 0.43 -6.74 -27.55
C ASP A 394 -0.25 -5.40 -27.35
N GLY A 395 -1.26 -5.33 -26.49
CA GLY A 395 -1.95 -4.08 -26.23
C GLY A 395 -2.87 -3.60 -27.33
N VAL A 396 -3.09 -4.40 -28.37
CA VAL A 396 -4.00 -4.01 -29.44
CA VAL A 396 -3.96 -4.01 -29.47
C VAL A 396 -4.94 -5.15 -29.79
N THR A 397 -4.44 -6.38 -29.83
CA THR A 397 -5.28 -7.52 -30.16
C THR A 397 -6.27 -7.81 -29.04
N ASP A 398 -7.50 -8.15 -29.41
CA ASP A 398 -8.52 -8.55 -28.46
C ASP A 398 -8.16 -9.93 -27.90
N ASP A 399 -7.79 -10.00 -26.62
CA ASP A 399 -7.39 -11.25 -25.98
C ASP A 399 -8.50 -11.87 -25.15
N THR A 400 -9.72 -11.34 -25.23
CA THR A 400 -10.79 -11.76 -24.33
C THR A 400 -11.05 -13.25 -24.42
N ASP A 401 -11.26 -13.75 -25.64
CA ASP A 401 -11.66 -15.15 -25.79
C ASP A 401 -10.55 -16.10 -25.41
N ALA A 402 -9.31 -15.76 -25.76
CA ALA A 402 -8.19 -16.62 -25.39
C ALA A 402 -8.03 -16.70 -23.88
N ILE A 403 -8.15 -15.55 -23.19
CA ILE A 403 -8.04 -15.54 -21.73
CA ILE A 403 -8.03 -15.55 -21.74
C ILE A 403 -9.19 -16.32 -21.12
N GLN A 404 -10.41 -16.11 -21.61
CA GLN A 404 -11.55 -16.87 -21.10
C GLN A 404 -11.34 -18.37 -21.27
N ALA A 405 -10.85 -18.80 -22.44
CA ALA A 405 -10.67 -20.23 -22.65
C ALA A 405 -9.61 -20.80 -21.72
N ILE A 406 -8.54 -20.04 -21.47
CA ILE A 406 -7.53 -20.47 -20.52
C ILE A 406 -8.15 -20.65 -19.14
N PHE A 407 -8.93 -19.65 -18.68
CA PHE A 407 -9.52 -19.72 -17.36
C PHE A 407 -10.48 -20.91 -17.25
N ASP A 408 -11.21 -21.22 -18.32
CA ASP A 408 -12.16 -22.34 -18.31
C ASP A 408 -11.45 -23.68 -18.26
N SER A 409 -10.23 -23.77 -18.80
CA SER A 409 -9.57 -25.05 -18.99
C SER A 409 -8.66 -25.46 -17.85
N VAL A 410 -8.09 -24.51 -17.12
CA VAL A 410 -7.08 -24.80 -16.11
CA VAL A 410 -7.08 -24.85 -16.13
C VAL A 410 -7.72 -25.57 -14.95
N THR A 411 -6.97 -26.49 -14.38
CA THR A 411 -7.40 -27.23 -13.21
C THR A 411 -6.82 -26.57 -11.96
N PRO A 412 -7.34 -26.91 -10.77
CA PRO A 412 -6.92 -26.20 -9.56
C PRO A 412 -5.45 -26.35 -9.20
N GLU A 413 -4.77 -27.39 -9.69
CA GLU A 413 -3.35 -27.52 -9.35
C GLU A 413 -2.44 -26.78 -10.31
N GLN A 414 -2.98 -26.13 -11.34
CA GLN A 414 -2.17 -25.32 -12.23
C GLN A 414 -2.23 -23.86 -11.78
N ILE A 415 -1.33 -23.06 -12.35
CA ILE A 415 -1.29 -21.63 -12.08
C ILE A 415 -1.24 -20.91 -13.41
N VAL A 416 -2.20 -20.01 -13.66
CA VAL A 416 -2.20 -19.23 -14.89
C VAL A 416 -1.13 -18.14 -14.79
N TYR A 417 -0.28 -18.07 -15.79
CA TYR A 417 0.88 -17.19 -15.77
C TYR A 417 0.71 -16.12 -16.84
N PHE A 418 0.52 -14.87 -16.41
CA PHE A 418 0.45 -13.76 -17.35
C PHE A 418 1.85 -13.28 -17.68
N ASP A 419 2.37 -13.73 -18.81
CA ASP A 419 3.61 -13.16 -19.35
C ASP A 419 3.47 -11.65 -19.46
N HIS A 420 4.58 -10.94 -19.30
CA HIS A 420 4.46 -9.50 -19.35
C HIS A 420 3.98 -9.03 -20.72
N GLY A 421 3.08 -8.06 -20.71
CA GLY A 421 2.44 -7.57 -21.91
C GLY A 421 1.25 -6.73 -21.50
N ALA A 422 0.39 -6.45 -22.48
CA ALA A 422 -0.86 -5.74 -22.22
C ALA A 422 -1.97 -6.50 -22.92
N TYR A 423 -2.98 -6.89 -22.16
CA TYR A 423 -4.02 -7.82 -22.61
C TYR A 423 -5.34 -7.07 -22.71
N ILE A 424 -5.85 -6.91 -23.94
CA ILE A 424 -7.06 -6.13 -24.15
C ILE A 424 -8.28 -7.02 -23.92
N ILE A 425 -9.19 -6.55 -23.07
CA ILE A 425 -10.40 -7.25 -22.67
C ILE A 425 -11.59 -6.39 -23.11
N THR A 426 -12.50 -6.97 -23.91
CA THR A 426 -13.58 -6.19 -24.48
C THR A 426 -14.97 -6.62 -24.05
N LYS A 427 -15.09 -7.69 -23.26
CA LYS A 427 -16.33 -8.05 -22.59
C LYS A 427 -15.96 -8.76 -21.30
N THR A 428 -16.97 -9.04 -20.48
CA THR A 428 -16.73 -9.62 -19.16
C THR A 428 -15.98 -10.94 -19.27
N VAL A 429 -14.91 -11.08 -18.49
CA VAL A 429 -14.24 -12.36 -18.31
C VAL A 429 -14.73 -12.98 -17.01
N ARG A 430 -15.24 -14.19 -17.11
CA ARG A 430 -15.76 -14.92 -15.95
C ARG A 430 -14.63 -15.75 -15.36
N VAL A 431 -14.18 -15.36 -14.16
CA VAL A 431 -13.09 -16.04 -13.48
C VAL A 431 -13.69 -17.15 -12.62
N PRO A 432 -13.29 -18.40 -12.80
CA PRO A 432 -13.88 -19.50 -12.01
C PRO A 432 -13.45 -19.44 -10.56
N PRO A 433 -14.18 -20.11 -9.66
CA PRO A 433 -13.92 -19.98 -8.22
C PRO A 433 -12.77 -20.82 -7.69
N ASN A 434 -12.05 -21.54 -8.53
CA ASN A 434 -10.86 -22.29 -8.13
C ASN A 434 -9.79 -22.01 -9.16
N ILE A 435 -8.93 -21.03 -8.90
CA ILE A 435 -7.90 -20.65 -9.86
C ILE A 435 -6.82 -19.88 -9.14
N ARG A 436 -5.59 -19.99 -9.65
CA ARG A 436 -4.48 -19.18 -9.18
C ARG A 436 -3.86 -18.50 -10.40
N ILE A 437 -3.57 -17.20 -10.27
CA ILE A 437 -3.12 -16.36 -11.36
C ILE A 437 -1.95 -15.54 -10.85
N THR A 438 -0.84 -15.52 -11.60
CA THR A 438 0.28 -14.69 -11.19
C THR A 438 0.92 -14.08 -12.43
N GLY A 439 1.45 -12.86 -12.28
CA GLY A 439 1.97 -12.11 -13.42
C GLY A 439 3.47 -11.88 -13.40
N GLU A 440 4.02 -11.70 -14.61
CA GLU A 440 5.44 -11.40 -14.79
C GLU A 440 5.63 -9.89 -14.71
N ALA A 441 6.02 -9.40 -13.54
CA ALA A 441 6.38 -8.01 -13.31
C ALA A 441 5.28 -7.06 -13.78
N LEU A 442 4.09 -7.26 -13.21
CA LEU A 442 2.95 -6.35 -13.38
C LEU A 442 2.50 -6.21 -14.83
N PRO A 443 2.14 -7.31 -15.50
CA PRO A 443 1.48 -7.17 -16.80
C PRO A 443 0.20 -6.35 -16.67
N LEU A 444 -0.19 -5.75 -17.79
CA LEU A 444 -1.40 -4.94 -17.87
C LEU A 444 -2.56 -5.75 -18.42
N ILE A 445 -3.70 -5.66 -17.74
CA ILE A 445 -4.96 -6.19 -18.23
C ILE A 445 -5.88 -4.98 -18.39
N LEU A 446 -6.24 -4.67 -19.63
CA LEU A 446 -6.90 -3.40 -19.96
C LEU A 446 -8.30 -3.63 -20.51
N ALA A 447 -9.29 -3.03 -19.84
CA ALA A 447 -10.64 -2.95 -20.39
C ALA A 447 -10.62 -2.05 -21.62
N GLY A 448 -10.99 -2.60 -22.77
CA GLY A 448 -10.97 -1.83 -24.00
C GLY A 448 -12.25 -1.99 -24.80
N GLY A 449 -12.20 -1.68 -26.09
CA GLY A 449 -13.36 -1.78 -26.96
C GLY A 449 -14.06 -0.44 -27.11
N ASP A 450 -15.15 -0.44 -27.87
CA ASP A 450 -15.82 0.82 -28.14
C ASP A 450 -17.31 0.79 -27.84
N SER A 451 -17.77 -0.11 -26.97
CA SER A 451 -19.19 -0.18 -26.66
CA SER A 451 -19.20 -0.17 -26.65
C SER A 451 -19.50 -0.85 -25.32
N PHE A 452 -18.96 -2.04 -25.11
CA PHE A 452 -19.38 -2.87 -23.98
C PHE A 452 -19.15 -2.18 -22.64
N PHE A 453 -18.00 -1.50 -22.46
CA PHE A 453 -17.68 -0.83 -21.21
C PHE A 453 -17.87 0.69 -21.28
N LYS A 454 -18.64 1.19 -22.25
CA LYS A 454 -18.70 2.63 -22.52
C LYS A 454 -19.82 3.36 -21.79
N ASP A 455 -20.75 2.65 -21.15
CA ASP A 455 -22.02 3.24 -20.73
C ASP A 455 -22.13 3.25 -19.20
N GLN A 456 -21.97 4.44 -18.60
CA GLN A 456 -22.11 4.48 -17.15
C GLN A 456 -23.53 4.16 -16.68
N ALA A 457 -24.54 4.27 -17.56
CA ALA A 457 -25.88 3.89 -17.16
C ALA A 457 -26.08 2.37 -17.14
N ASN A 458 -25.20 1.62 -17.79
CA ASN A 458 -25.28 0.16 -17.82
C ASN A 458 -23.87 -0.39 -17.64
N PRO A 459 -23.33 -0.30 -16.44
CA PRO A 459 -21.95 -0.74 -16.23
C PRO A 459 -21.84 -2.26 -16.19
N LYS A 460 -20.63 -2.74 -16.50
CA LYS A 460 -20.34 -4.16 -16.63
C LYS A 460 -19.00 -4.51 -15.98
N PRO A 461 -18.89 -5.69 -15.37
CA PRO A 461 -17.60 -6.10 -14.81
C PRO A 461 -16.60 -6.48 -15.89
N VAL A 462 -15.33 -6.16 -15.63
CA VAL A 462 -14.24 -6.53 -16.53
C VAL A 462 -13.78 -7.93 -16.16
N PHE A 463 -13.25 -8.09 -14.94
CA PHE A 463 -13.05 -9.40 -14.34
C PHE A 463 -14.16 -9.66 -13.33
N GLN A 464 -14.95 -10.71 -13.57
CA GLN A 464 -16.00 -11.14 -12.68
C GLN A 464 -15.48 -12.36 -11.93
N VAL A 465 -15.16 -12.18 -10.66
CA VAL A 465 -14.39 -13.18 -9.90
C VAL A 465 -15.38 -14.07 -9.18
N GLY A 466 -15.62 -15.25 -9.73
CA GLY A 466 -16.68 -16.11 -9.24
C GLY A 466 -18.06 -15.57 -9.64
N GLN A 467 -19.02 -16.47 -9.56
CA GLN A 467 -20.43 -16.09 -9.62
C GLN A 467 -20.99 -15.96 -8.21
N PRO A 468 -22.09 -15.24 -8.03
CA PRO A 468 -22.62 -15.02 -6.68
C PRO A 468 -22.84 -16.33 -5.93
N GLY A 469 -22.38 -16.38 -4.69
CA GLY A 469 -22.56 -17.52 -3.83
C GLY A 469 -21.51 -18.60 -3.96
N GLU A 470 -20.58 -18.48 -4.90
CA GLU A 470 -19.56 -19.50 -5.07
C GLU A 470 -18.46 -19.36 -4.03
N ARG A 471 -17.84 -20.49 -3.72
CA ARG A 471 -16.78 -20.56 -2.72
C ARG A 471 -15.64 -21.38 -3.28
N GLY A 472 -14.41 -20.99 -2.95
CA GLY A 472 -13.28 -21.76 -3.42
C GLY A 472 -11.97 -21.11 -3.08
N ARG A 473 -11.02 -21.19 -4.01
CA ARG A 473 -9.70 -20.58 -3.86
CA ARG A 473 -9.69 -20.59 -3.86
C ARG A 473 -9.41 -19.76 -5.11
N VAL A 474 -9.29 -18.44 -4.94
CA VAL A 474 -8.91 -17.55 -6.05
C VAL A 474 -7.79 -16.68 -5.52
N GLU A 475 -6.58 -16.84 -6.07
CA GLU A 475 -5.42 -16.04 -5.70
C GLU A 475 -4.92 -15.32 -6.95
N MET A 476 -4.74 -14.00 -6.87
CA MET A 476 -4.09 -13.25 -7.95
C MET A 476 -2.94 -12.44 -7.37
N SER A 477 -1.83 -12.35 -8.11
CA SER A 477 -0.67 -11.60 -7.64
C SER A 477 0.09 -11.00 -8.82
N ASP A 478 0.61 -9.79 -8.63
CA ASP A 478 1.56 -9.19 -9.57
C ASP A 478 0.87 -8.85 -10.90
N LEU A 479 -0.15 -8.01 -10.84
CA LEU A 479 -0.94 -7.64 -12.00
C LEU A 479 -1.35 -6.19 -11.88
N ILE A 480 -1.62 -5.55 -13.02
CA ILE A 480 -2.24 -4.23 -13.06
C ILE A 480 -3.47 -4.27 -13.96
N PHE A 481 -4.58 -3.73 -13.46
CA PHE A 481 -5.82 -3.58 -14.22
C PHE A 481 -5.99 -2.13 -14.60
N GLY A 482 -6.38 -1.87 -15.85
CA GLY A 482 -6.58 -0.50 -16.29
C GLY A 482 -7.57 -0.46 -17.43
N THR A 483 -7.68 0.71 -18.07
CA THR A 483 -8.52 0.87 -19.24
C THR A 483 -7.69 1.32 -20.43
N ALA A 484 -8.10 0.88 -21.62
CA ALA A 484 -7.56 1.35 -22.89
C ALA A 484 -8.54 2.38 -23.44
N GLY A 485 -8.23 3.66 -23.23
CA GLY A 485 -9.19 4.71 -23.52
C GLY A 485 -10.24 4.82 -22.42
N PRO A 486 -11.17 5.78 -22.57
CA PRO A 486 -12.22 5.94 -21.55
C PRO A 486 -13.18 4.76 -21.57
N GLN A 487 -13.52 4.25 -20.38
CA GLN A 487 -14.46 3.14 -20.24
C GLN A 487 -15.33 3.38 -19.02
N PRO A 488 -16.19 4.40 -19.05
CA PRO A 488 -16.93 4.80 -17.85
C PRO A 488 -18.03 3.84 -17.42
N GLY A 489 -18.25 2.75 -18.14
CA GLY A 489 -19.09 1.67 -17.66
C GLY A 489 -18.32 0.49 -17.10
N ALA A 490 -16.99 0.58 -17.01
CA ALA A 490 -16.20 -0.58 -16.57
C ALA A 490 -16.20 -0.68 -15.05
N ILE A 491 -16.65 -1.82 -14.54
CA ILE A 491 -16.43 -2.20 -13.16
C ILE A 491 -15.22 -3.13 -13.20
N MET A 492 -14.05 -2.60 -12.82
CA MET A 492 -12.80 -3.28 -13.14
C MET A 492 -12.76 -4.69 -12.56
N MET A 493 -13.18 -4.84 -11.31
CA MET A 493 -13.21 -6.17 -10.70
C MET A 493 -14.44 -6.29 -9.82
N GLU A 494 -15.27 -7.30 -10.10
CA GLU A 494 -16.43 -7.63 -9.29
C GLU A 494 -16.10 -8.93 -8.58
N TRP A 495 -16.07 -8.89 -7.25
CA TRP A 495 -15.57 -9.97 -6.42
C TRP A 495 -16.75 -10.67 -5.76
N ASN A 496 -17.15 -11.80 -6.34
CA ASN A 496 -18.31 -12.55 -5.85
C ASN A 496 -17.92 -13.76 -5.01
N VAL A 497 -16.76 -14.34 -5.29
CA VAL A 497 -16.33 -15.57 -4.62
C VAL A 497 -16.02 -15.29 -3.15
N ALA A 498 -16.15 -16.33 -2.34
CA ALA A 498 -15.68 -16.32 -0.96
C ALA A 498 -14.65 -17.42 -0.80
N GLY A 499 -13.62 -17.17 0.01
CA GLY A 499 -12.61 -18.19 0.22
C GLY A 499 -13.16 -19.35 1.05
N MET A 500 -12.69 -20.56 0.72
CA MET A 500 -13.03 -21.73 1.52
C MET A 500 -12.40 -21.65 2.91
N GLU A 501 -11.37 -20.83 3.06
CA GLU A 501 -10.73 -20.56 4.34
CA GLU A 501 -10.76 -20.54 4.35
C GLU A 501 -10.16 -19.16 4.27
N PRO A 502 -9.86 -18.53 5.42
CA PRO A 502 -9.29 -17.17 5.35
C PRO A 502 -8.02 -17.17 4.51
N GLY A 503 -7.92 -16.17 3.63
CA GLY A 503 -6.77 -16.05 2.76
C GLY A 503 -6.85 -16.85 1.48
N ALA A 504 -7.84 -17.73 1.33
CA ALA A 504 -7.89 -18.54 0.12
C ALA A 504 -8.41 -17.76 -1.08
N ALA A 505 -8.99 -16.59 -0.85
CA ALA A 505 -9.50 -15.73 -1.91
C ALA A 505 -8.89 -14.36 -1.70
N GLY A 506 -8.03 -13.92 -2.62
CA GLY A 506 -7.42 -12.62 -2.36
C GLY A 506 -6.55 -12.12 -3.50
N LEU A 507 -6.00 -10.93 -3.25
CA LEU A 507 -5.18 -10.15 -4.18
C LEU A 507 -3.93 -9.68 -3.46
N TRP A 508 -2.77 -9.88 -4.08
CA TRP A 508 -1.49 -9.47 -3.50
C TRP A 508 -0.67 -8.76 -4.57
N ASP A 509 -0.35 -7.48 -4.35
CA ASP A 509 0.44 -6.72 -5.33
C ASP A 509 -0.33 -6.70 -6.66
N VAL A 510 -1.61 -6.36 -6.55
CA VAL A 510 -2.53 -6.25 -7.68
C VAL A 510 -3.13 -4.85 -7.60
N HIS A 511 -2.91 -4.06 -8.64
CA HIS A 511 -3.23 -2.64 -8.63
C HIS A 511 -4.17 -2.32 -9.76
N THR A 512 -4.98 -1.29 -9.55
CA THR A 512 -5.83 -0.76 -10.59
C THR A 512 -5.30 0.63 -10.88
N ARG A 513 -4.93 0.87 -12.13
CA ARG A 513 -4.22 2.09 -12.52
C ARG A 513 -5.03 2.68 -13.67
N ILE A 514 -5.82 3.72 -13.39
CA ILE A 514 -6.77 4.28 -14.34
C ILE A 514 -6.16 5.57 -14.90
N GLY A 515 -5.72 5.51 -16.16
CA GLY A 515 -5.15 6.66 -16.84
C GLY A 515 -3.70 6.92 -16.48
N GLY A 516 -3.09 7.80 -17.26
CA GLY A 516 -1.81 8.38 -16.92
C GLY A 516 -0.56 7.74 -17.54
N TYR A 517 -0.69 6.65 -18.30
CA TYR A 517 0.49 5.92 -18.74
C TYR A 517 0.28 5.41 -20.15
N ALA A 518 1.39 4.98 -20.76
CA ALA A 518 1.38 4.46 -22.13
C ALA A 518 0.45 3.26 -22.25
N GLY A 519 -0.45 3.33 -23.23
CA GLY A 519 -1.47 2.32 -23.42
C GLY A 519 -2.87 2.74 -23.02
N THR A 520 -2.99 3.75 -22.16
CA THR A 520 -4.32 4.15 -21.70
C THR A 520 -5.00 5.17 -22.60
N GLN A 521 -4.24 5.92 -23.41
CA GLN A 521 -4.75 7.03 -24.20
C GLN A 521 -5.28 8.15 -23.30
N LEU A 522 -4.92 8.11 -22.02
CA LEU A 522 -5.32 9.09 -21.02
C LEU A 522 -4.06 9.74 -20.46
N GLU A 523 -3.36 10.48 -21.31
CA GLU A 523 -2.11 11.08 -20.87
C GLU A 523 -2.14 12.59 -21.02
N LEU A 524 -0.94 13.20 -21.10
CA LEU A 524 -0.88 14.66 -21.08
C LEU A 524 -1.52 15.28 -22.31
N GLU A 525 -1.32 14.69 -23.50
CA GLU A 525 -1.86 15.27 -24.73
C GLU A 525 -3.38 15.28 -24.72
N GLN A 526 -4.00 14.27 -24.11
CA GLN A 526 -5.45 14.18 -24.13
C GLN A 526 -6.11 14.91 -22.97
N CYS A 527 -5.46 14.95 -21.80
CA CYS A 527 -6.18 15.21 -20.56
C CYS A 527 -5.50 16.21 -19.63
N ALA A 528 -4.56 17.00 -20.13
CA ALA A 528 -3.90 18.01 -19.32
C ALA A 528 -4.93 18.89 -18.61
N LYS A 529 -4.61 19.26 -17.36
CA LYS A 529 -5.49 20.10 -16.57
C LYS A 529 -5.57 21.50 -17.18
N ASN A 530 -6.63 22.21 -16.82
CA ASN A 530 -6.79 23.62 -17.20
C ASN A 530 -7.66 24.29 -16.16
N PRO A 531 -7.09 24.63 -15.00
CA PRO A 531 -7.91 25.12 -13.89
C PRO A 531 -8.54 26.49 -14.14
N ASN A 532 -8.05 27.24 -15.12
CA ASN A 532 -8.54 28.59 -15.39
C ASN A 532 -9.87 28.61 -16.13
N ILE A 533 -10.32 27.49 -16.68
CA ILE A 533 -11.58 27.46 -17.40
C ILE A 533 -12.52 26.51 -16.69
N THR A 534 -13.83 26.72 -16.88
CA THR A 534 -14.81 25.75 -16.44
C THR A 534 -14.53 24.44 -17.15
N ASN A 535 -14.30 23.39 -16.36
CA ASN A 535 -13.88 22.12 -16.92
C ASN A 535 -14.90 21.64 -17.97
N PRO A 536 -14.48 21.39 -19.20
CA PRO A 536 -15.41 20.84 -20.19
C PRO A 536 -15.77 19.38 -19.93
N ILE A 537 -15.06 18.72 -19.01
CA ILE A 537 -15.27 17.30 -18.69
C ILE A 537 -15.24 16.47 -19.97
N LYS A 538 -14.08 16.47 -20.64
CA LYS A 538 -13.93 15.81 -21.93
C LYS A 538 -14.30 14.33 -21.84
N PRO A 539 -15.16 13.83 -22.73
CA PRO A 539 -15.44 12.38 -22.75
C PRO A 539 -14.19 11.54 -22.93
N GLU A 540 -13.18 12.07 -23.63
CA GLU A 540 -11.95 11.34 -23.86
C GLU A 540 -11.13 11.13 -22.60
N CYS A 541 -11.53 11.74 -21.48
CA CYS A 541 -10.75 11.67 -20.25
C CYS A 541 -11.51 10.96 -19.12
N PHE A 542 -12.59 10.25 -19.44
CA PHE A 542 -13.22 9.41 -18.43
C PHE A 542 -12.35 8.19 -18.16
N GLY A 543 -12.49 7.66 -16.95
CA GLY A 543 -11.79 6.44 -16.55
C GLY A 543 -12.75 5.28 -16.49
N SER A 544 -12.93 4.69 -15.32
CA SER A 544 -13.84 3.56 -15.16
C SER A 544 -15.01 3.96 -14.26
N PHE A 545 -15.95 3.03 -14.12
CA PHE A 545 -17.13 3.25 -13.27
C PHE A 545 -16.81 3.00 -11.80
N LEU A 546 -16.07 1.93 -11.51
CA LEU A 546 -15.82 1.48 -10.15
C LEU A 546 -14.64 0.52 -10.21
N MET A 547 -13.66 0.72 -9.32
CA MET A 547 -12.45 -0.10 -9.46
C MET A 547 -12.61 -1.48 -8.82
N LEU A 548 -13.23 -1.57 -7.66
CA LEU A 548 -13.46 -2.86 -7.01
C LEU A 548 -14.84 -2.89 -6.38
N HIS A 549 -15.57 -3.97 -6.62
CA HIS A 549 -16.88 -4.19 -6.01
C HIS A 549 -16.88 -5.57 -5.34
N VAL A 550 -16.80 -5.60 -4.02
CA VAL A 550 -17.04 -6.85 -3.30
C VAL A 550 -18.54 -6.92 -3.07
N THR A 551 -19.18 -7.90 -3.71
CA THR A 551 -20.63 -8.00 -3.67
C THR A 551 -21.08 -8.79 -2.44
N PRO A 552 -22.37 -8.76 -2.12
CA PRO A 552 -22.85 -9.57 -0.99
C PRO A 552 -22.54 -11.05 -1.19
N GLY A 553 -21.96 -11.66 -0.16
CA GLY A 553 -21.45 -13.01 -0.26
C GLY A 553 -19.99 -13.11 -0.64
N GLY A 554 -19.44 -12.07 -1.27
CA GLY A 554 -18.03 -12.08 -1.60
C GLY A 554 -17.17 -11.91 -0.36
N SER A 555 -15.98 -12.48 -0.41
CA SER A 555 -15.05 -12.36 0.70
C SER A 555 -13.63 -12.38 0.14
N ALA A 556 -12.82 -11.39 0.54
CA ALA A 556 -11.52 -11.23 -0.08
C ALA A 556 -10.48 -10.77 0.95
N TYR A 557 -9.23 -11.21 0.71
CA TYR A 557 -8.05 -10.75 1.44
C TYR A 557 -7.23 -9.90 0.48
N LEU A 558 -7.10 -8.60 0.77
CA LEU A 558 -6.36 -7.67 -0.07
C LEU A 558 -5.09 -7.24 0.65
N GLU A 559 -3.94 -7.33 -0.02
CA GLU A 559 -2.71 -6.88 0.62
C GLU A 559 -1.78 -6.27 -0.43
N ASN A 560 -1.42 -4.99 -0.25
CA ASN A 560 -0.68 -4.18 -1.22
C ASN A 560 -1.46 -4.10 -2.54
N THR A 561 -2.56 -3.33 -2.48
CA THR A 561 -3.44 -3.09 -3.61
C THR A 561 -3.70 -1.59 -3.70
N TRP A 562 -3.17 -0.97 -4.74
CA TRP A 562 -3.32 0.47 -4.97
C TRP A 562 -4.40 0.69 -6.01
N TYR A 563 -5.47 1.35 -5.62
CA TYR A 563 -6.57 1.69 -6.53
C TYR A 563 -6.41 3.16 -6.87
N TRP A 564 -5.78 3.45 -8.02
CA TRP A 564 -5.30 4.79 -8.33
C TRP A 564 -5.92 5.31 -9.61
N VAL A 565 -6.55 6.48 -9.51
CA VAL A 565 -6.95 7.25 -10.68
C VAL A 565 -5.90 8.33 -10.89
N ALA A 566 -5.38 8.41 -12.12
CA ALA A 566 -4.20 9.24 -12.37
C ALA A 566 -4.47 10.70 -12.07
N ASP A 567 -3.65 11.27 -11.20
CA ASP A 567 -3.56 12.71 -11.03
C ASP A 567 -2.52 13.33 -11.95
N HIS A 568 -1.57 12.54 -12.47
CA HIS A 568 -0.53 13.08 -13.33
C HIS A 568 -0.05 11.99 -14.28
N ALA A 569 0.64 12.41 -15.33
CA ALA A 569 1.13 11.49 -16.36
C ALA A 569 2.48 10.93 -15.96
N LEU A 570 2.68 9.64 -16.26
CA LEU A 570 3.79 8.87 -15.72
C LEU A 570 4.93 8.62 -16.70
N GLU A 571 4.75 8.88 -18.00
CA GLU A 571 5.90 8.63 -18.86
C GLU A 571 6.86 9.82 -18.81
N PRO A 572 8.15 9.60 -19.08
CA PRO A 572 9.14 10.63 -18.77
C PRO A 572 8.95 11.92 -19.54
N GLU A 573 8.48 11.85 -20.79
CA GLU A 573 8.24 13.06 -21.58
C GLU A 573 7.22 13.98 -20.93
N ALA A 574 6.36 13.47 -20.06
CA ALA A 574 5.32 14.29 -19.46
C ALA A 574 5.83 15.09 -18.27
N ARG A 575 6.97 14.71 -17.71
CA ARG A 575 7.60 15.49 -16.65
C ARG A 575 6.63 15.72 -15.49
N ASP A 576 5.87 14.67 -15.14
CA ASP A 576 4.99 14.63 -13.97
C ASP A 576 3.82 15.62 -14.06
N GLN A 577 3.52 16.15 -15.24
CA GLN A 577 2.46 17.17 -15.32
C GLN A 577 1.09 16.57 -15.07
N GLN A 578 0.19 17.40 -14.55
CA GLN A 578 -1.08 16.93 -14.00
C GLN A 578 -2.17 16.85 -15.07
N ILE A 579 -3.05 15.85 -14.91
CA ILE A 579 -4.12 15.57 -15.85
C ILE A 579 -5.43 15.37 -15.09
N ASP A 580 -6.54 15.53 -15.81
CA ASP A 580 -7.88 15.24 -15.30
C ASP A 580 -8.33 13.91 -15.86
N VAL A 581 -8.64 12.96 -14.98
CA VAL A 581 -9.23 11.67 -15.35
C VAL A 581 -10.43 11.45 -14.44
N PHE A 582 -11.60 11.18 -15.04
CA PHE A 582 -12.87 11.15 -14.29
C PHE A 582 -13.30 9.71 -14.06
N ASN A 583 -13.03 9.20 -12.85
CA ASN A 583 -13.34 7.84 -12.47
C ASN A 583 -14.40 7.89 -11.38
N GLY A 584 -15.48 7.12 -11.55
CA GLY A 584 -16.65 7.31 -10.70
C GLY A 584 -16.38 6.98 -9.24
N ARG A 585 -15.87 5.77 -8.98
CA ARG A 585 -15.89 5.18 -7.64
C ARG A 585 -14.65 4.33 -7.43
N GLY A 586 -14.19 4.27 -6.19
CA GLY A 586 -12.99 3.50 -5.86
C GLY A 586 -13.28 2.06 -5.50
N VAL A 587 -13.46 1.81 -4.20
CA VAL A 587 -13.69 0.48 -3.64
C VAL A 587 -15.05 0.48 -2.97
N LEU A 588 -15.93 -0.47 -3.36
CA LEU A 588 -17.26 -0.63 -2.78
C LEU A 588 -17.37 -2.02 -2.20
N ILE A 589 -17.64 -2.11 -0.90
CA ILE A 589 -17.71 -3.39 -0.19
C ILE A 589 -19.11 -3.55 0.40
N GLU A 590 -19.74 -4.69 0.09
CA GLU A 590 -21.10 -5.02 0.56
C GLU A 590 -21.12 -6.43 1.13
N GLY A 591 -22.08 -6.67 2.03
CA GLY A 591 -22.29 -8.01 2.54
C GLY A 591 -21.42 -8.35 3.74
N ASP A 592 -21.53 -9.60 4.17
CA ASP A 592 -20.94 -10.05 5.43
C ASP A 592 -19.48 -10.48 5.30
N GLY A 593 -18.91 -10.44 4.10
CA GLY A 593 -17.49 -10.72 3.93
C GLY A 593 -17.09 -12.08 4.47
N PRO A 594 -16.00 -12.15 5.23
CA PRO A 594 -15.14 -11.03 5.65
C PRO A 594 -14.32 -10.40 4.54
N VAL A 595 -13.87 -9.16 4.78
CA VAL A 595 -12.87 -8.51 3.94
C VAL A 595 -11.73 -8.05 4.82
N TRP A 596 -10.52 -8.44 4.47
CA TRP A 596 -9.30 -7.91 5.05
C TRP A 596 -8.62 -7.03 4.01
N GLY A 597 -8.07 -5.91 4.47
CA GLY A 597 -7.30 -5.08 3.57
C GLY A 597 -6.08 -4.52 4.28
N TRP A 598 -4.89 -5.00 3.90
CA TRP A 598 -3.65 -4.57 4.52
C TRP A 598 -2.88 -3.73 3.51
N GLY A 599 -2.57 -2.48 3.88
CA GLY A 599 -1.80 -1.64 2.97
C GLY A 599 -2.52 -1.37 1.67
N THR A 600 -3.83 -1.11 1.74
CA THR A 600 -4.56 -0.71 0.54
C THR A 600 -4.63 0.81 0.48
N SER A 601 -4.82 1.32 -0.73
CA SER A 601 -4.95 2.75 -0.97
C SER A 601 -5.95 2.95 -2.10
N SER A 602 -6.75 4.02 -2.03
CA SER A 602 -7.74 4.32 -3.05
C SER A 602 -7.79 5.82 -3.26
N GLU A 603 -7.42 6.29 -4.45
CA GLU A 603 -7.17 7.72 -4.66
C GLU A 603 -7.81 8.26 -5.94
N HIS A 604 -8.47 9.42 -5.79
CA HIS A 604 -8.82 10.37 -6.86
C HIS A 604 -10.06 9.96 -7.64
N SER A 605 -10.97 9.23 -7.01
CA SER A 605 -12.27 8.99 -7.62
C SER A 605 -13.23 10.15 -7.32
N VAL A 606 -14.27 10.26 -8.15
CA VAL A 606 -15.15 11.44 -8.09
C VAL A 606 -16.08 11.36 -6.89
N LEU A 607 -16.76 10.23 -6.70
CA LEU A 607 -17.83 10.11 -5.72
C LEU A 607 -17.32 9.65 -4.35
N HIS A 608 -16.53 8.58 -4.33
CA HIS A 608 -15.96 8.09 -3.08
C HIS A 608 -14.74 7.25 -3.41
N ASN A 609 -13.84 7.17 -2.44
CA ASN A 609 -12.65 6.32 -2.57
C ASN A 609 -12.84 4.96 -1.89
N TYR A 610 -13.41 4.92 -0.68
CA TYR A 610 -13.92 3.70 -0.08
C TYR A 610 -15.37 3.89 0.34
N GLN A 611 -16.22 2.91 0.06
CA GLN A 611 -17.58 2.92 0.57
C GLN A 611 -17.97 1.50 1.00
N PHE A 612 -18.62 1.40 2.16
CA PHE A 612 -19.16 0.14 2.65
C PHE A 612 -20.67 0.28 2.70
N ASN A 613 -21.40 -0.69 2.15
CA ASN A 613 -22.85 -0.63 2.10
C ASN A 613 -23.42 -1.96 2.56
N ASN A 614 -24.18 -1.95 3.66
CA ASN A 614 -24.73 -3.17 4.23
C ASN A 614 -23.62 -4.20 4.45
N ALA A 615 -22.48 -3.73 4.93
CA ALA A 615 -21.29 -4.56 5.11
C ALA A 615 -21.12 -4.95 6.56
N ARG A 616 -20.51 -6.13 6.76
CA ARG A 616 -20.07 -6.57 8.08
C ARG A 616 -18.73 -7.30 7.95
N ASN A 617 -17.97 -7.34 9.05
CA ASN A 617 -16.73 -8.10 9.13
C ASN A 617 -15.68 -7.56 8.14
N VAL A 618 -15.40 -6.27 8.27
CA VAL A 618 -14.39 -5.60 7.45
C VAL A 618 -13.26 -5.16 8.35
N PHE A 619 -12.05 -5.56 8.01
CA PHE A 619 -10.84 -5.13 8.72
C PHE A 619 -9.89 -4.50 7.71
N LEU A 620 -9.53 -3.25 7.95
CA LEU A 620 -8.61 -2.53 7.08
C LEU A 620 -7.52 -1.88 7.92
N ALA A 621 -6.27 -2.01 7.49
CA ALA A 621 -5.13 -1.44 8.22
C ALA A 621 -3.91 -1.30 7.33
N LEU A 622 -3.33 -0.11 7.20
CA LEU A 622 -4.08 1.14 7.35
C LEU A 622 -4.58 1.47 5.94
N ILE A 623 -5.44 2.49 5.83
CA ILE A 623 -5.97 2.92 4.54
C ILE A 623 -5.51 4.33 4.24
N GLN A 624 -5.64 4.71 2.96
CA GLN A 624 -5.15 6.01 2.52
C GLN A 624 -5.94 6.43 1.29
N THR A 625 -6.36 7.70 1.25
CA THR A 625 -7.14 8.23 0.15
C THR A 625 -6.67 9.65 -0.19
N GLU A 626 -7.05 10.10 -1.39
CA GLU A 626 -6.94 11.49 -1.80
C GLU A 626 -8.16 11.86 -2.64
N THR A 627 -8.62 13.08 -2.45
CA THR A 627 -9.63 13.65 -3.34
C THR A 627 -8.99 13.98 -4.70
N PRO A 628 -9.73 13.84 -5.81
CA PRO A 628 -9.16 14.24 -7.09
C PRO A 628 -8.87 15.74 -7.11
N TYR A 629 -7.75 16.09 -7.74
CA TYR A 629 -7.20 17.44 -7.59
C TYR A 629 -8.02 18.48 -8.33
N PHE A 630 -8.82 18.06 -9.33
CA PHE A 630 -9.61 19.02 -10.09
C PHE A 630 -10.84 19.51 -9.35
N GLN A 631 -11.38 18.74 -8.40
CA GLN A 631 -12.56 19.21 -7.68
C GLN A 631 -12.22 20.51 -6.92
N GLY A 632 -13.12 21.50 -6.92
CA GLY A 632 -14.48 21.38 -7.44
C GLY A 632 -14.72 21.96 -8.82
N ASN A 633 -13.78 21.72 -9.73
CA ASN A 633 -13.92 22.11 -11.13
C ASN A 633 -13.67 20.90 -12.02
N PRO A 634 -14.66 19.99 -12.15
CA PRO A 634 -16.02 19.99 -11.60
C PRO A 634 -16.12 19.44 -10.18
N ASP A 635 -17.20 19.79 -9.48
CA ASP A 635 -17.46 19.23 -8.17
C ASP A 635 -17.97 17.80 -8.30
N ALA A 636 -18.15 17.14 -7.15
CA ALA A 636 -18.43 15.71 -7.13
C ALA A 636 -19.78 15.31 -7.71
N THR A 637 -20.68 16.26 -7.98
CA THR A 637 -21.94 15.83 -8.60
C THR A 637 -21.79 15.51 -10.08
N GLN A 638 -20.63 15.79 -10.68
CA GLN A 638 -20.36 15.49 -12.07
C GLN A 638 -19.03 14.73 -12.19
N PRO A 639 -18.86 13.90 -13.22
CA PRO A 639 -19.78 13.60 -14.32
C PRO A 639 -20.49 12.26 -14.20
N PHE A 640 -20.60 11.70 -13.00
CA PHE A 640 -21.25 10.42 -12.83
C PHE A 640 -22.62 10.61 -12.20
N THR A 641 -23.65 10.14 -12.90
CA THR A 641 -25.02 10.18 -12.41
CA THR A 641 -24.99 10.25 -12.36
C THR A 641 -25.17 9.36 -11.14
N VAL A 642 -25.98 9.84 -10.20
CA VAL A 642 -26.26 9.07 -8.99
C VAL A 642 -26.97 7.79 -9.38
N ASN A 643 -26.36 6.66 -9.03
CA ASN A 643 -26.93 5.34 -9.30
C ASN A 643 -27.25 4.63 -7.98
N PRO A 644 -28.52 4.52 -7.61
CA PRO A 644 -28.86 3.87 -6.33
C PRO A 644 -28.54 2.38 -6.27
N ASN A 645 -28.31 1.72 -7.42
CA ASN A 645 -27.90 0.32 -7.37
C ASN A 645 -26.52 0.15 -6.75
N PHE A 646 -25.77 1.24 -6.61
CA PHE A 646 -24.46 1.22 -5.96
C PHE A 646 -24.45 2.09 -4.72
N ALA A 647 -25.62 2.52 -4.26
CA ALA A 647 -25.74 3.38 -3.08
C ALA A 647 -24.87 4.62 -3.23
N ASP A 648 -24.87 5.18 -4.43
CA ASP A 648 -24.03 6.33 -4.72
C ASP A 648 -24.37 7.48 -3.76
N PRO A 649 -23.37 8.23 -3.33
CA PRO A 649 -23.65 9.46 -2.59
C PRO A 649 -24.31 10.48 -3.52
N ASP A 650 -25.28 11.20 -3.00
CA ASP A 650 -26.04 12.20 -3.74
C ASP A 650 -25.69 13.55 -3.14
N PHE A 651 -24.61 14.17 -3.64
CA PHE A 651 -24.09 15.39 -3.04
C PHE A 651 -25.03 16.58 -3.24
N ALA A 652 -25.78 16.59 -4.35
CA ALA A 652 -26.76 17.65 -4.56
C ALA A 652 -27.75 17.72 -3.40
N THR A 653 -28.13 16.57 -2.87
CA THR A 653 -29.05 16.49 -1.74
C THR A 653 -28.31 16.58 -0.40
N SER A 654 -27.20 15.85 -0.25
CA SER A 654 -26.55 15.79 1.05
C SER A 654 -25.97 17.15 1.46
N CYS A 655 -25.63 17.99 0.49
CA CYS A 655 -25.01 19.29 0.74
C CYS A 655 -25.99 20.47 0.70
N THR A 656 -27.30 20.22 0.58
CA THR A 656 -28.25 21.31 0.37
CA THR A 656 -28.26 21.31 0.38
C THR A 656 -28.14 22.38 1.45
N ASN A 657 -28.21 21.98 2.71
CA ASN A 657 -28.19 22.95 3.81
C ASN A 657 -26.86 22.97 4.53
N SER A 658 -25.78 22.68 3.81
CA SER A 658 -24.46 22.68 4.42
C SER A 658 -24.07 24.10 4.83
N PRO A 659 -23.53 24.31 6.03
CA PRO A 659 -22.99 25.62 6.40
C PRO A 659 -21.62 25.90 5.82
N ASN A 660 -21.01 24.89 5.18
CA ASN A 660 -19.81 25.07 4.36
C ASN A 660 -20.12 24.57 2.94
N PRO A 661 -21.06 25.21 2.23
CA PRO A 661 -21.46 24.69 0.90
C PRO A 661 -20.40 24.85 -0.19
N GLU A 662 -19.45 25.78 -0.02
CA GLU A 662 -18.52 26.06 -1.10
C GLU A 662 -17.62 24.86 -1.42
N GLN A 663 -17.48 23.90 -0.50
CA GLN A 663 -16.60 22.76 -0.74
C GLN A 663 -17.19 21.48 -0.15
N CYS A 664 -18.52 21.42 -0.04
CA CYS A 664 -19.18 20.22 0.46
C CYS A 664 -19.21 19.10 -0.59
N LYS A 665 -19.34 19.46 -1.87
CA LYS A 665 -19.53 18.49 -2.95
C LYS A 665 -18.16 17.97 -3.38
N ARG A 666 -17.60 17.07 -2.57
CA ARG A 666 -16.26 16.53 -2.78
C ARG A 666 -16.26 15.06 -2.40
N ALA A 667 -15.42 14.28 -3.10
CA ALA A 667 -15.37 12.84 -2.90
C ALA A 667 -15.23 12.47 -1.43
N TRP A 668 -16.03 11.50 -1.00
CA TRP A 668 -15.83 10.88 0.31
C TRP A 668 -14.50 10.14 0.36
N GLY A 669 -13.78 10.29 1.48
CA GLY A 669 -12.66 9.42 1.77
C GLY A 669 -13.18 8.04 2.12
N VAL A 670 -14.03 7.97 3.13
CA VAL A 670 -14.71 6.76 3.57
C VAL A 670 -16.18 7.07 3.80
N ARG A 671 -17.06 6.26 3.25
CA ARG A 671 -18.49 6.37 3.52
C ARG A 671 -19.01 5.01 3.92
N ALA A 672 -19.67 4.93 5.07
CA ALA A 672 -20.21 3.67 5.57
C ALA A 672 -21.71 3.81 5.75
N ILE A 673 -22.47 2.89 5.15
CA ILE A 673 -23.93 2.91 5.21
C ILE A 673 -24.39 1.56 5.74
N ASN A 674 -25.15 1.59 6.84
CA ASN A 674 -25.74 0.38 7.43
C ASN A 674 -24.70 -0.73 7.53
N SER A 675 -23.52 -0.39 8.02
CA SER A 675 -22.42 -1.33 8.11
C SER A 675 -21.95 -1.44 9.55
N THR A 676 -21.70 -2.67 10.00
CA THR A 676 -21.30 -2.91 11.37
C THR A 676 -20.10 -3.86 11.38
N ASP A 677 -19.45 -3.94 12.55
CA ASP A 677 -18.23 -4.74 12.70
C ASP A 677 -17.24 -4.40 11.60
N VAL A 678 -17.09 -3.10 11.36
CA VAL A 678 -16.04 -2.55 10.50
C VAL A 678 -14.96 -1.98 11.41
N PHE A 679 -13.71 -2.38 11.17
CA PHE A 679 -12.58 -1.96 11.98
C PHE A 679 -11.54 -1.34 11.06
N ILE A 680 -11.13 -0.11 11.34
CA ILE A 680 -10.10 0.58 10.55
C ILE A 680 -8.96 0.97 11.50
N TYR A 681 -7.81 0.31 11.35
CA TYR A 681 -6.63 0.56 12.20
C TYR A 681 -5.65 1.41 11.40
N GLY A 682 -5.85 2.72 11.46
CA GLY A 682 -5.00 3.68 10.77
C GLY A 682 -5.63 4.15 9.47
N ALA A 683 -5.69 5.46 9.27
CA ALA A 683 -6.24 6.03 8.05
C ALA A 683 -5.57 7.37 7.81
N GLY A 684 -5.22 7.62 6.54
CA GLY A 684 -4.76 8.91 6.10
C GLY A 684 -5.60 9.36 4.92
N LEU A 685 -6.58 10.23 5.19
CA LEU A 685 -7.60 10.61 4.21
C LEU A 685 -7.41 12.09 3.90
N TYR A 686 -6.87 12.41 2.73
CA TYR A 686 -6.30 13.71 2.45
C TYR A 686 -7.09 14.48 1.39
N SER A 687 -7.19 15.79 1.56
CA SER A 687 -7.76 16.70 0.58
C SER A 687 -6.78 17.85 0.36
N PHE A 688 -6.05 17.83 -0.76
CA PHE A 688 -4.93 18.75 -0.93
C PHE A 688 -5.22 19.95 -1.81
N PHE A 689 -6.37 20.01 -2.49
CA PHE A 689 -6.58 21.06 -3.48
C PHE A 689 -8.03 21.49 -3.51
N ASP A 690 -8.25 22.66 -4.13
CA ASP A 690 -9.54 23.05 -4.70
C ASP A 690 -9.25 23.60 -6.09
N ASN A 691 -9.61 22.83 -7.13
CA ASN A 691 -9.33 23.21 -8.51
C ASN A 691 -7.84 23.56 -8.68
N TYR A 692 -6.99 22.65 -8.20
CA TYR A 692 -5.54 22.72 -8.26
C TYR A 692 -4.94 23.88 -7.46
N ASP A 693 -5.75 24.59 -6.68
CA ASP A 693 -5.24 25.63 -5.81
C ASP A 693 -5.15 25.10 -4.38
N GLN A 694 -4.05 25.44 -3.70
CA GLN A 694 -3.78 24.91 -2.38
C GLN A 694 -3.94 25.94 -1.27
N GLU A 695 -4.54 27.10 -1.57
CA GLU A 695 -4.82 28.07 -0.52
C GLU A 695 -5.60 27.45 0.62
N CYS A 696 -6.53 26.55 0.30
CA CYS A 696 -7.38 25.92 1.31
C CYS A 696 -6.58 25.13 2.35
N LEU A 697 -5.36 24.72 2.03
CA LEU A 697 -4.53 24.03 3.01
C LEU A 697 -4.23 24.93 4.21
N LYS A 698 -4.06 26.23 3.97
CA LYS A 698 -3.72 27.17 5.03
C LYS A 698 -4.76 27.17 6.15
N THR A 699 -6.02 26.95 5.81
CA THR A 699 -7.11 26.97 6.78
C THR A 699 -7.73 25.60 6.99
N GLN A 700 -7.07 24.54 6.51
CA GLN A 700 -7.53 23.16 6.68
C GLN A 700 -8.99 23.01 6.22
N SER A 701 -9.29 23.53 5.03
CA SER A 701 -10.69 23.57 4.58
C SER A 701 -10.80 23.33 3.08
N CYS A 702 -10.00 22.41 2.54
CA CYS A 702 -10.13 22.08 1.13
C CYS A 702 -11.46 21.38 0.84
N GLN A 703 -11.99 20.64 1.80
CA GLN A 703 -13.36 20.16 1.66
C GLN A 703 -14.02 20.17 3.03
N THR A 704 -15.34 19.94 3.01
CA THR A 704 -16.13 20.07 4.22
C THR A 704 -16.16 18.78 5.05
N ASN A 705 -16.32 17.63 4.40
CA ASN A 705 -16.54 16.35 5.07
C ASN A 705 -15.62 15.30 4.45
N MET A 706 -15.16 14.35 5.28
CA MET A 706 -14.22 13.33 4.80
C MET A 706 -14.70 11.90 5.08
N VAL A 707 -15.18 11.63 6.29
CA VAL A 707 -15.74 10.32 6.64
C VAL A 707 -17.22 10.52 6.97
N SER A 708 -18.07 9.70 6.37
CA SER A 708 -19.50 9.72 6.65
C SER A 708 -19.94 8.34 7.14
N LEU A 709 -20.55 8.31 8.31
CA LEU A 709 -21.21 7.12 8.82
C LEU A 709 -22.71 7.34 8.77
N GLU A 710 -23.43 6.42 8.12
CA GLU A 710 -24.85 6.63 7.83
C GLU A 710 -25.64 5.37 8.11
N GLY A 711 -26.94 5.57 8.37
CA GLY A 711 -27.85 4.45 8.46
C GLY A 711 -27.51 3.50 9.59
N ASN A 712 -27.14 4.04 10.75
CA ASN A 712 -26.89 3.23 11.95
C ASN A 712 -25.67 2.32 11.76
N SER A 713 -24.63 2.85 11.13
CA SER A 713 -23.38 2.12 11.03
C SER A 713 -22.71 2.04 12.40
N GLN A 714 -21.97 0.94 12.62
CA GLN A 714 -21.17 0.72 13.82
C GLN A 714 -19.75 0.43 13.37
N VAL A 715 -18.91 1.45 13.38
CA VAL A 715 -17.57 1.38 12.82
C VAL A 715 -16.57 1.77 13.91
N HIS A 716 -15.49 0.99 14.03
CA HIS A 716 -14.46 1.25 15.02
C HIS A 716 -13.27 1.83 14.25
N LEU A 717 -12.95 3.09 14.52
CA LEU A 717 -11.89 3.83 13.85
C LEU A 717 -10.76 4.11 14.82
N PHE A 718 -9.56 3.68 14.46
CA PHE A 718 -8.38 3.93 15.28
C PHE A 718 -7.35 4.68 14.44
N GLY A 719 -6.74 5.71 15.02
CA GLY A 719 -5.75 6.49 14.30
C GLY A 719 -6.28 7.06 13.00
N LEU A 720 -7.42 7.76 13.09
CA LEU A 720 -7.99 8.42 11.92
C LEU A 720 -7.31 9.77 11.74
N SER A 721 -6.54 9.90 10.66
CA SER A 721 -5.93 11.17 10.29
CA SER A 721 -5.90 11.14 10.26
C SER A 721 -6.56 11.66 8.99
N THR A 722 -6.91 12.95 8.97
CA THR A 722 -7.48 13.57 7.79
C THR A 722 -6.74 14.87 7.55
N LYS A 723 -6.64 15.29 6.28
CA LYS A 723 -5.97 16.55 5.95
C LYS A 723 -6.95 17.48 5.27
N ALA A 724 -7.16 18.65 5.88
CA ALA A 724 -7.85 19.80 5.28
C ALA A 724 -9.32 19.49 4.94
N SER A 725 -9.97 18.68 5.76
CA SER A 725 -11.41 18.55 5.75
C SER A 725 -11.96 19.17 7.03
N VAL A 726 -12.88 20.13 6.90
CA VAL A 726 -13.37 20.86 8.06
C VAL A 726 -13.89 19.90 9.11
N ASN A 727 -14.72 18.96 8.68
CA ASN A 727 -15.21 17.88 9.51
C ASN A 727 -14.42 16.63 9.15
N MET A 728 -13.78 16.02 10.15
CA MET A 728 -13.10 14.74 9.96
C MET A 728 -14.12 13.61 9.81
N LEU A 729 -15.15 13.63 10.65
CA LEU A 729 -16.07 12.52 10.81
C LEU A 729 -17.47 13.07 11.04
N THR A 730 -18.42 12.58 10.25
CA THR A 730 -19.81 13.03 10.27
C THR A 730 -20.68 11.79 10.42
N VAL A 731 -21.67 11.86 11.32
CA VAL A 731 -22.54 10.73 11.61
C VAL A 731 -23.98 11.17 11.35
N ASP A 732 -24.64 10.51 10.39
CA ASP A 732 -26.03 10.83 10.02
C ASP A 732 -26.19 12.31 9.68
N GLY A 733 -25.19 12.87 9.01
CA GLY A 733 -25.23 14.26 8.61
C GLY A 733 -24.78 15.24 9.67
N ASN A 734 -24.48 14.78 10.88
CA ASN A 734 -24.02 15.65 11.96
C ASN A 734 -22.51 15.55 12.11
N ALA A 735 -21.82 16.68 12.01
CA ALA A 735 -20.39 16.69 12.26
C ALA A 735 -20.10 16.29 13.70
N VAL A 736 -19.17 15.35 13.88
CA VAL A 736 -18.79 14.87 15.20
C VAL A 736 -17.40 15.33 15.58
N ALA A 737 -16.39 14.96 14.79
CA ALA A 737 -15.01 15.35 15.07
C ALA A 737 -14.59 16.40 14.04
N LEU A 738 -14.17 17.57 14.52
CA LEU A 738 -13.74 18.65 13.65
C LEU A 738 -12.23 18.72 13.61
N ASP A 739 -11.69 19.07 12.43
CA ASP A 739 -10.25 19.21 12.27
C ASP A 739 -9.65 20.13 13.33
N ALA A 740 -10.31 21.26 13.60
CA ALA A 740 -9.74 22.27 14.49
C ALA A 740 -9.58 21.75 15.91
N ASP A 741 -10.38 20.77 16.30
CA ASP A 741 -10.28 20.22 17.65
C ASP A 741 -9.21 19.15 17.77
N ASN A 742 -8.56 18.74 16.67
CA ASN A 742 -7.68 17.59 16.71
C ASN A 742 -6.39 17.80 15.94
N ARG A 743 -5.91 19.05 15.86
CA ARG A 743 -4.74 19.35 15.04
C ARG A 743 -3.54 18.51 15.47
N ASN A 744 -2.85 17.93 14.49
CA ASN A 744 -1.59 17.22 14.68
C ASN A 744 -0.47 18.08 14.07
N ASN A 745 0.61 17.44 13.62
CA ASN A 745 1.71 18.20 13.04
C ASN A 745 1.45 18.62 11.59
N PHE A 746 0.37 18.14 10.97
CA PHE A 746 0.03 18.48 9.59
C PHE A 746 -1.42 18.11 9.34
N CYS A 747 -1.74 16.83 9.53
CA CYS A 747 -3.13 16.40 9.53
C CYS A 747 -3.76 16.74 10.88
N ALA A 748 -5.05 16.42 10.99
CA ALA A 748 -5.75 16.27 12.26
C ALA A 748 -5.92 14.79 12.54
N THR A 749 -5.98 14.41 13.82
CA THR A 749 -5.92 12.99 14.17
C THR A 749 -6.83 12.65 15.34
N VAL A 750 -7.68 11.66 15.15
CA VAL A 750 -8.51 11.08 16.20
C VAL A 750 -7.94 9.72 16.54
N ALA A 751 -7.57 9.52 17.80
CA ALA A 751 -6.98 8.25 18.22
C ALA A 751 -7.98 7.10 18.15
N TRP A 752 -9.23 7.38 18.53
CA TRP A 752 -10.17 6.30 18.81
C TRP A 752 -11.58 6.85 18.69
N PHE A 753 -12.34 6.37 17.70
CA PHE A 753 -13.77 6.60 17.64
C PHE A 753 -14.47 5.24 17.61
N GLN A 754 -15.46 5.07 18.49
CA GLN A 754 -16.31 3.89 18.40
C GLN A 754 -17.77 4.34 18.44
N SER A 755 -18.60 3.64 17.67
CA SER A 755 -20.03 3.94 17.63
C SER A 755 -20.85 2.73 18.05
#